data_7Y3Y
#
_entry.id   7Y3Y
#
_cell.length_a   79.310
_cell.length_b   99.558
_cell.length_c   129.781
_cell.angle_alpha   90.000
_cell.angle_beta   90.000
_cell.angle_gamma   90.000
#
_symmetry.space_group_name_H-M   'P 21 21 21'
#
loop_
_entity.id
_entity.type
_entity.pdbx_description
1 polymer 'questin oxidase BTG13'
2 non-polymer GLYCEROL
3 non-polymer 'FE (III) ION'
4 water water
#
_entity_poly.entity_id   1
_entity_poly.type   'polypeptide(L)'
_entity_poly.pdbx_seq_one_letter_code
;MTVLATSRLHIEGDFRGYGSLDKSPPGALETLNRLMQNNHDEFDMFWRPDAGHNHTAHSLLSVYALGGSSADLERAYRDD
DPHQVPIGAVDHSVVASLKDPRIFIHRMQRLDQYSNYLRFFEERIEARGWKAVVVEYLFSRSDAAEAMLGQLFEGAYHPL
IQLGFGIEFELPGLVAEGLAHCAAHDAANIIPFFQKAEKLAKSGSVAPAPLVELYKEVRDTEKIRLAAKMTQGPVRVRDG
VMGEAQDDIAAVAAKFQVGPDGLKQAIIETTSCAAYSCGGAQRPGKVAKVDFFFMHMVVSSIFLSILARQDWLETEDKIR
LVEWKGRLDLVWYAASSAPALDRKWLEQYQPTLSAGMDWRALYRAVTVEPDDGHLAKIVRSLKWAEEEAKGVETSETIPV
AGSGWFKLAQMAYDSTAHLPIPAKWIMGAGYDFLWTRVDSLPAA
;
_entity_poly.pdbx_strand_id   A,B
#
# COMPACT_ATOMS: atom_id res chain seq x y z
N THR A 2 24.14 -12.83 24.49
CA THR A 2 23.76 -13.91 25.48
C THR A 2 22.29 -14.27 25.21
N VAL A 3 21.89 -15.55 25.31
CA VAL A 3 20.46 -15.99 25.19
C VAL A 3 19.71 -15.49 26.42
N LEU A 4 18.56 -14.82 26.25
CA LEU A 4 17.73 -14.31 27.38
C LEU A 4 16.63 -15.33 27.62
N ALA A 5 16.30 -15.62 28.88
CA ALA A 5 15.12 -16.42 29.23
C ALA A 5 13.87 -15.75 28.63
N THR A 6 13.88 -14.42 28.55
CA THR A 6 12.76 -13.60 28.04
C THR A 6 12.41 -13.96 26.58
N SER A 7 13.42 -14.27 25.77
CA SER A 7 13.31 -14.62 24.32
C SER A 7 12.52 -15.91 24.10
N ARG A 8 12.34 -16.74 25.14
CA ARG A 8 11.69 -18.07 24.99
C ARG A 8 10.23 -17.90 25.43
N LEU A 9 9.29 -18.13 24.49
CA LEU A 9 7.83 -18.03 24.75
C LEU A 9 7.33 -19.44 25.11
N HIS A 10 6.96 -19.61 26.37
CA HIS A 10 6.35 -20.86 26.86
C HIS A 10 5.03 -20.50 27.54
N ILE A 11 3.94 -20.77 26.85
CA ILE A 11 2.58 -20.77 27.45
C ILE A 11 2.43 -22.11 28.15
N GLU A 12 2.21 -22.13 29.46
CA GLU A 12 1.99 -23.39 30.21
C GLU A 12 0.73 -23.25 31.04
N GLY A 13 -0.06 -24.32 31.08
CA GLY A 13 -1.05 -24.54 32.14
C GLY A 13 -2.40 -23.98 31.78
N ASP A 14 -3.29 -23.92 32.78
CA ASP A 14 -4.76 -23.79 32.64
C ASP A 14 -5.14 -22.60 31.76
N PHE A 15 -4.51 -21.42 31.89
CA PHE A 15 -5.04 -20.16 31.27
C PHE A 15 -5.17 -20.24 29.73
N ARG A 16 -6.38 -20.02 29.21
CA ARG A 16 -6.64 -20.21 27.76
C ARG A 16 -7.34 -18.99 27.17
N GLY A 17 -7.41 -17.86 27.88
CA GLY A 17 -7.87 -16.59 27.29
C GLY A 17 -9.24 -16.14 27.74
N TYR A 18 -9.43 -14.82 27.79
CA TYR A 18 -10.74 -14.17 27.97
C TYR A 18 -11.69 -14.64 26.87
N GLY A 19 -12.95 -14.93 27.24
CA GLY A 19 -14.03 -15.41 26.37
C GLY A 19 -13.83 -16.85 25.89
N SER A 20 -12.89 -17.60 26.46
CA SER A 20 -12.67 -19.01 26.04
C SER A 20 -13.87 -19.84 26.48
N LEU A 21 -14.20 -20.88 25.71
CA LEU A 21 -15.30 -21.83 26.03
C LEU A 21 -14.69 -23.24 26.02
N ASP A 22 -14.74 -23.98 24.92
CA ASP A 22 -14.09 -25.32 24.88
C ASP A 22 -12.57 -25.16 24.99
N LYS A 23 -11.95 -26.05 25.78
CA LYS A 23 -10.51 -26.32 25.81
C LYS A 23 -10.08 -26.89 24.46
N SER A 24 -8.96 -26.39 23.94
CA SER A 24 -8.26 -26.99 22.79
C SER A 24 -8.01 -28.46 23.10
N PRO A 25 -8.10 -29.38 22.11
CA PRO A 25 -7.77 -30.79 22.38
C PRO A 25 -6.27 -30.98 22.55
N PRO A 26 -5.85 -32.15 23.12
CA PRO A 26 -4.43 -32.41 23.35
C PRO A 26 -3.60 -32.20 22.07
N GLY A 27 -2.39 -31.68 22.24
CA GLY A 27 -1.44 -31.42 21.14
C GLY A 27 -1.40 -29.95 20.78
N ALA A 28 -2.48 -29.21 21.00
CA ALA A 28 -2.61 -27.79 20.55
C ALA A 28 -1.55 -26.90 21.26
N LEU A 29 -1.43 -27.02 22.57
CA LEU A 29 -0.50 -26.15 23.37
C LEU A 29 0.93 -26.30 22.83
N GLU A 30 1.38 -27.54 22.51
CA GLU A 30 2.75 -27.80 21.99
C GLU A 30 2.91 -27.13 20.61
N THR A 31 1.88 -27.23 19.77
CA THR A 31 1.88 -26.58 18.43
C THR A 31 1.93 -25.06 18.63
N LEU A 32 1.10 -24.51 19.50
CA LEU A 32 1.05 -23.06 19.77
C LEU A 32 2.43 -22.55 20.20
N ASN A 33 3.09 -23.23 21.15
CA ASN A 33 4.42 -22.81 21.66
C ASN A 33 5.43 -22.81 20.52
N ARG A 34 5.47 -23.86 19.71
CA ARG A 34 6.47 -23.98 18.63
C ARG A 34 6.21 -22.83 17.63
N LEU A 35 4.97 -22.61 17.22
CA LEU A 35 4.70 -21.59 16.17
C LEU A 35 4.90 -20.17 16.71
N MET A 36 4.52 -19.91 17.95
CA MET A 36 4.68 -18.58 18.60
C MET A 36 6.17 -18.23 18.66
N GLN A 37 7.01 -19.22 18.96
CA GLN A 37 8.49 -19.06 19.07
C GLN A 37 9.09 -18.83 17.68
N ASN A 38 8.66 -19.61 16.69
CA ASN A 38 9.13 -19.46 15.30
C ASN A 38 8.81 -18.03 14.83
N ASN A 39 7.60 -17.57 15.09
CA ASN A 39 7.17 -16.22 14.62
C ASN A 39 8.01 -15.15 15.35
N HIS A 40 8.18 -15.33 16.66
CA HIS A 40 8.96 -14.41 17.52
C HIS A 40 10.38 -14.23 16.96
N ASP A 41 11.07 -15.34 16.61
CA ASP A 41 12.52 -15.35 16.29
C ASP A 41 12.78 -15.04 14.81
N GLU A 42 11.88 -15.43 13.89
CA GLU A 42 12.17 -15.45 12.45
C GLU A 42 11.66 -14.16 11.78
N PHE A 43 10.57 -13.56 12.26
CA PHE A 43 9.80 -12.60 11.42
C PHE A 43 9.73 -11.20 12.04
N ASP A 44 9.65 -10.20 11.16
CA ASP A 44 9.51 -8.79 11.57
C ASP A 44 8.07 -8.57 12.04
N MET A 45 7.89 -7.44 12.72
CA MET A 45 6.57 -6.92 13.07
C MET A 45 5.91 -6.28 11.85
N PHE A 46 6.69 -5.75 10.92
CA PHE A 46 6.15 -4.96 9.80
C PHE A 46 6.62 -5.56 8.48
N TRP A 47 5.67 -5.89 7.60
CA TRP A 47 5.99 -6.53 6.30
C TRP A 47 5.77 -5.57 5.11
N ARG A 48 5.26 -4.35 5.35
CA ARG A 48 5.16 -3.27 4.33
C ARG A 48 4.86 -1.98 5.05
N PRO A 49 5.06 -0.79 4.43
CA PRO A 49 5.05 0.47 5.19
C PRO A 49 3.69 0.91 5.77
N ASP A 50 2.61 0.51 5.12
CA ASP A 50 1.22 0.89 5.49
C ASP A 50 0.40 -0.41 5.60
N ALA A 51 -0.40 -0.54 6.65
CA ALA A 51 -1.29 -1.69 6.87
C ALA A 51 -0.46 -2.99 6.83
N GLY A 52 0.74 -2.95 7.42
CA GLY A 52 1.72 -4.03 7.25
C GLY A 52 2.03 -4.72 8.56
N HIS A 53 1.06 -4.85 9.45
CA HIS A 53 1.32 -5.43 10.79
C HIS A 53 1.28 -6.95 10.68
N ASN A 54 2.24 -7.62 11.31
CA ASN A 54 2.31 -9.11 11.39
C ASN A 54 1.24 -9.59 12.40
N HIS A 55 0.19 -10.25 11.92
CA HIS A 55 -0.92 -10.70 12.78
C HIS A 55 -0.71 -12.14 13.28
N THR A 56 0.43 -12.78 12.98
CA THR A 56 0.63 -14.23 13.23
C THR A 56 0.36 -14.59 14.70
N ALA A 57 0.89 -13.81 15.65
CA ALA A 57 0.73 -14.09 17.08
C ALA A 57 -0.74 -13.90 17.43
N HIS A 58 -1.40 -12.92 16.85
CA HIS A 58 -2.83 -12.70 17.15
C HIS A 58 -3.66 -13.93 16.69
N SER A 59 -3.41 -14.39 15.47
CA SER A 59 -4.20 -15.47 14.83
C SER A 59 -3.97 -16.78 15.62
N LEU A 60 -2.73 -17.06 16.02
CA LEU A 60 -2.42 -18.25 16.85
C LEU A 60 -3.13 -18.18 18.17
N LEU A 61 -2.95 -17.08 18.91
CA LEU A 61 -3.45 -17.03 20.29
C LEU A 61 -4.97 -16.99 20.25
N SER A 62 -5.56 -16.34 19.24
CA SER A 62 -7.03 -16.27 19.17
C SER A 62 -7.59 -17.66 18.86
N VAL A 63 -6.99 -18.37 17.91
CA VAL A 63 -7.48 -19.72 17.54
C VAL A 63 -7.33 -20.63 18.77
N TYR A 64 -6.26 -20.48 19.54
CA TYR A 64 -6.10 -21.28 20.77
C TYR A 64 -7.27 -20.99 21.73
N ALA A 65 -7.54 -19.72 22.00
CA ALA A 65 -8.59 -19.28 22.93
C ALA A 65 -9.95 -19.81 22.46
N LEU A 66 -10.21 -19.90 21.15
CA LEU A 66 -11.48 -20.45 20.61
C LEU A 66 -11.47 -22.00 20.60
N GLY A 67 -10.41 -22.64 21.13
CA GLY A 67 -10.35 -24.11 21.34
C GLY A 67 -9.94 -24.86 20.09
N GLY A 68 -9.20 -24.21 19.20
CA GLY A 68 -8.68 -24.84 17.99
C GLY A 68 -7.70 -25.91 18.32
N SER A 69 -7.55 -26.88 17.42
CA SER A 69 -6.57 -27.97 17.55
C SER A 69 -5.24 -27.54 16.90
N SER A 70 -4.23 -28.42 16.99
CA SER A 70 -2.95 -28.29 16.27
C SER A 70 -3.20 -27.90 14.83
N ALA A 71 -4.06 -28.63 14.11
CA ALA A 71 -4.24 -28.40 12.65
C ALA A 71 -4.79 -26.97 12.41
N ASP A 72 -5.67 -26.48 13.27
CA ASP A 72 -6.27 -25.13 13.16
C ASP A 72 -5.17 -24.08 13.40
N LEU A 73 -4.24 -24.36 14.31
CA LEU A 73 -3.12 -23.41 14.59
C LEU A 73 -2.16 -23.38 13.40
N GLU A 74 -1.95 -24.52 12.77
CA GLU A 74 -1.07 -24.63 11.59
C GLU A 74 -1.74 -23.88 10.43
N ARG A 75 -3.07 -23.96 10.34
CA ARG A 75 -3.82 -23.21 9.30
C ARG A 75 -3.59 -21.72 9.55
N ALA A 76 -3.91 -21.25 10.76
CA ALA A 76 -3.71 -19.84 11.16
C ALA A 76 -2.32 -19.37 10.72
N TYR A 77 -1.28 -20.16 11.00
CA TYR A 77 0.12 -19.79 10.68
C TYR A 77 0.30 -19.69 9.17
N ARG A 78 -0.19 -20.68 8.41
CA ARG A 78 -0.02 -20.71 6.92
C ARG A 78 -0.82 -19.57 6.29
N ASP A 79 -2.05 -19.32 6.75
CA ASP A 79 -2.89 -18.19 6.25
C ASP A 79 -2.14 -16.85 6.44
N ASP A 80 -1.25 -16.71 7.44
CA ASP A 80 -0.52 -15.42 7.71
C ASP A 80 0.89 -15.47 7.11
N ASP A 81 1.13 -16.42 6.20
CA ASP A 81 2.41 -16.47 5.43
C ASP A 81 2.76 -15.09 4.86
N PRO A 82 1.81 -14.36 4.23
CA PRO A 82 2.08 -13.02 3.68
C PRO A 82 2.51 -12.01 4.75
N HIS A 83 2.19 -12.25 6.00
CA HIS A 83 2.56 -11.34 7.11
C HIS A 83 4.00 -11.60 7.54
N GLN A 84 4.63 -12.66 7.06
CA GLN A 84 5.85 -13.23 7.68
C GLN A 84 7.06 -12.93 6.79
N VAL A 85 7.83 -11.92 7.15
CA VAL A 85 9.10 -11.58 6.42
C VAL A 85 10.25 -11.58 7.41
N PRO A 86 11.51 -11.74 6.95
CA PRO A 86 12.66 -11.84 7.85
C PRO A 86 12.82 -10.63 8.77
N ILE A 87 12.96 -10.91 10.07
CA ILE A 87 13.23 -9.90 11.13
C ILE A 87 14.54 -9.16 10.80
N GLY A 88 14.54 -7.85 11.02
CA GLY A 88 15.68 -6.98 10.72
C GLY A 88 16.86 -7.35 11.59
N ALA A 89 18.06 -7.21 11.01
CA ALA A 89 19.35 -7.35 11.71
C ALA A 89 19.31 -6.39 12.89
N VAL A 90 19.74 -6.83 14.07
CA VAL A 90 19.83 -5.99 15.30
C VAL A 90 21.19 -5.25 15.31
N ASP A 91 21.19 -3.95 15.59
CA ASP A 91 22.45 -3.19 15.80
C ASP A 91 22.65 -3.13 17.31
N HIS A 92 23.64 -3.85 17.86
CA HIS A 92 23.81 -3.99 19.33
C HIS A 92 24.29 -2.68 19.95
N SER A 93 24.92 -1.76 19.22
CA SER A 93 25.34 -0.46 19.83
C SER A 93 24.13 0.45 19.92
N VAL A 94 23.22 0.35 18.94
CA VAL A 94 21.90 1.05 19.04
C VAL A 94 21.19 0.51 20.28
N VAL A 95 21.15 -0.80 20.44
CA VAL A 95 20.48 -1.38 21.65
C VAL A 95 21.08 -0.78 22.93
N ALA A 96 22.39 -0.68 23.06
CA ALA A 96 22.99 -0.13 24.31
C ALA A 96 22.59 1.34 24.43
N SER A 97 22.52 2.07 23.31
CA SER A 97 22.21 3.52 23.35
C SER A 97 20.75 3.76 23.78
N LEU A 98 19.85 2.79 23.55
CA LEU A 98 18.40 2.98 23.85
C LEU A 98 18.12 3.15 25.34
N LYS A 99 19.06 2.84 26.25
CA LYS A 99 18.92 3.07 27.72
C LYS A 99 18.85 4.57 28.01
N ASP A 100 19.40 5.40 27.13
CA ASP A 100 19.31 6.87 27.23
C ASP A 100 17.93 7.32 26.75
N PRO A 101 17.07 7.93 27.60
CA PRO A 101 15.70 8.24 27.20
C PRO A 101 15.62 9.23 26.03
N ARG A 102 16.61 10.11 25.82
CA ARG A 102 16.55 11.05 24.65
C ARG A 102 16.85 10.30 23.36
N ILE A 103 17.77 9.34 23.36
CA ILE A 103 18.01 8.50 22.15
C ILE A 103 16.79 7.57 21.92
N PHE A 104 16.24 7.02 23.00
CA PHE A 104 15.01 6.20 22.93
C PHE A 104 13.98 6.99 22.14
N ILE A 105 13.63 8.20 22.61
CA ILE A 105 12.55 9.03 21.99
C ILE A 105 12.95 9.29 20.54
N HIS A 106 14.22 9.64 20.31
CA HIS A 106 14.70 10.13 19.00
C HIS A 106 14.54 9.05 17.92
N ARG A 107 14.69 7.76 18.23
CA ARG A 107 14.67 6.69 17.20
C ARG A 107 13.25 6.10 17.07
N MET A 108 12.27 6.58 17.84
CA MET A 108 10.86 6.14 17.79
C MET A 108 10.23 6.46 16.43
N GLN A 109 9.17 5.74 16.05
CA GLN A 109 8.33 6.05 14.86
C GLN A 109 9.06 5.69 13.57
N ARG A 110 10.10 4.85 13.64
CA ARG A 110 10.79 4.32 12.44
C ARG A 110 10.62 2.80 12.41
N LEU A 111 9.89 2.27 11.44
CA LEU A 111 9.55 0.81 11.36
C LEU A 111 10.81 -0.06 11.41
N ASP A 112 11.90 0.38 10.80
CA ASP A 112 13.11 -0.45 10.65
C ASP A 112 13.82 -0.63 11.99
N GLN A 113 13.34 -0.01 13.07
CA GLN A 113 13.89 -0.14 14.43
C GLN A 113 13.24 -1.26 15.26
N TYR A 114 12.23 -1.96 14.71
CA TYR A 114 11.50 -3.00 15.46
C TYR A 114 12.49 -3.94 16.15
N SER A 115 13.42 -4.56 15.44
CA SER A 115 14.35 -5.56 16.02
C SER A 115 15.22 -4.95 17.11
N ASN A 116 15.64 -3.69 16.93
CA ASN A 116 16.48 -2.96 17.92
C ASN A 116 15.68 -2.77 19.22
N TYR A 117 14.45 -2.29 19.10
CA TYR A 117 13.59 -2.12 20.30
C TYR A 117 13.25 -3.48 20.89
N LEU A 118 13.10 -4.52 20.08
CA LEU A 118 12.75 -5.88 20.63
C LEU A 118 13.87 -6.37 21.55
N ARG A 119 15.11 -6.36 21.06
CA ARG A 119 16.31 -6.76 21.85
C ARG A 119 16.42 -5.86 23.10
N PHE A 120 16.27 -4.53 22.96
CA PHE A 120 16.28 -3.60 24.11
C PHE A 120 15.25 -4.04 25.15
N PHE A 121 13.97 -4.18 24.75
CA PHE A 121 12.90 -4.55 25.70
C PHE A 121 13.12 -5.96 26.28
N GLU A 122 13.68 -6.93 25.53
CA GLU A 122 13.94 -8.29 26.08
C GLU A 122 15.05 -8.18 27.15
N GLU A 123 16.11 -7.41 26.90
CA GLU A 123 17.19 -7.18 27.90
C GLU A 123 16.60 -6.51 29.12
N ARG A 124 15.76 -5.47 28.97
CA ARG A 124 15.22 -4.72 30.13
C ARG A 124 14.29 -5.64 30.92
N ILE A 125 13.41 -6.37 30.24
CA ILE A 125 12.48 -7.33 30.89
C ILE A 125 13.29 -8.45 31.58
N GLU A 126 14.40 -8.90 31.02
CA GLU A 126 15.24 -9.92 31.70
C GLU A 126 15.68 -9.40 33.06
N ALA A 127 16.11 -8.13 33.12
CA ALA A 127 16.66 -7.46 34.32
C ALA A 127 15.55 -7.14 35.31
N ARG A 128 14.42 -6.62 34.85
CA ARG A 128 13.42 -6.06 35.79
C ARG A 128 12.03 -6.71 35.77
N GLY A 129 11.70 -7.56 34.82
CA GLY A 129 10.32 -8.06 34.86
C GLY A 129 9.43 -7.29 33.90
N TRP A 130 8.48 -7.97 33.27
CA TRP A 130 7.63 -7.33 32.25
C TRP A 130 6.74 -6.25 32.85
N LYS A 131 6.23 -6.48 34.06
CA LYS A 131 5.29 -5.52 34.69
C LYS A 131 5.98 -4.17 34.95
N ALA A 132 7.17 -4.16 35.57
CA ALA A 132 7.95 -2.94 35.85
C ALA A 132 8.27 -2.22 34.53
N VAL A 133 8.58 -2.97 33.46
CA VAL A 133 9.00 -2.35 32.18
C VAL A 133 7.81 -1.69 31.50
N VAL A 134 6.64 -2.32 31.54
CA VAL A 134 5.40 -1.72 30.97
C VAL A 134 5.04 -0.43 31.74
N VAL A 135 5.05 -0.44 33.08
CA VAL A 135 4.74 0.78 33.88
C VAL A 135 5.74 1.85 33.44
N GLU A 136 7.01 1.50 33.39
CA GLU A 136 8.07 2.49 33.09
C GLU A 136 7.86 3.11 31.70
N TYR A 137 7.53 2.31 30.68
CA TYR A 137 7.59 2.77 29.26
C TYR A 137 6.21 3.20 28.74
N LEU A 138 5.12 2.98 29.49
CA LEU A 138 3.78 3.46 29.06
C LEU A 138 3.12 4.37 30.11
N PHE A 139 3.34 4.17 31.41
CA PHE A 139 2.42 4.74 32.44
C PHE A 139 3.15 5.65 33.43
N SER A 140 4.46 5.85 33.32
CA SER A 140 5.29 6.59 34.31
C SER A 140 5.26 8.12 34.07
N ARG A 141 4.55 8.59 33.05
CA ARG A 141 4.47 10.02 32.61
C ARG A 141 5.85 10.63 32.33
N SER A 142 6.94 9.86 32.14
CA SER A 142 8.16 10.41 31.50
C SER A 142 7.80 10.89 30.10
N ASP A 143 8.71 11.63 29.45
CA ASP A 143 8.53 12.06 28.04
C ASP A 143 8.35 10.82 27.14
N ALA A 144 9.23 9.84 27.28
CA ALA A 144 9.26 8.58 26.50
C ALA A 144 7.93 7.87 26.70
N ALA A 145 7.44 7.77 27.93
CA ALA A 145 6.21 7.04 28.25
C ALA A 145 5.00 7.76 27.63
N GLU A 146 4.94 9.09 27.69
CA GLU A 146 3.82 9.85 27.13
C GLU A 146 3.79 9.61 25.62
N ALA A 147 4.96 9.58 24.95
CA ALA A 147 5.03 9.37 23.49
C ALA A 147 4.60 7.92 23.19
N MET A 148 5.12 6.95 23.95
CA MET A 148 4.71 5.54 23.87
C MET A 148 3.19 5.37 24.08
N LEU A 149 2.55 6.14 24.97
CA LEU A 149 1.11 5.96 25.24
C LEU A 149 0.29 6.35 23.97
N GLY A 150 0.69 7.39 23.22
CA GLY A 150 0.00 7.73 21.96
C GLY A 150 0.25 6.67 20.90
N GLN A 151 1.50 6.21 20.80
CA GLN A 151 1.94 5.18 19.84
C GLN A 151 1.16 3.90 20.07
N LEU A 152 0.77 3.61 21.30
CA LEU A 152 0.05 2.37 21.66
C LEU A 152 -1.21 2.21 20.79
N PHE A 153 -1.83 3.30 20.36
CA PHE A 153 -3.14 3.30 19.65
C PHE A 153 -2.94 3.36 18.14
N GLU A 154 -1.70 3.38 17.66
CA GLU A 154 -1.38 3.62 16.24
C GLU A 154 -1.86 2.47 15.35
N GLY A 155 -2.00 2.77 14.07
CA GLY A 155 -2.38 1.84 13.00
C GLY A 155 -3.68 1.09 13.27
N ALA A 156 -4.65 1.72 13.89
CA ALA A 156 -5.96 1.12 14.26
C ALA A 156 -5.71 0.01 15.33
N TYR A 157 -4.90 0.32 16.34
CA TYR A 157 -4.77 -0.39 17.64
C TYR A 157 -3.85 -1.60 17.57
N HIS A 158 -2.93 -1.74 16.60
CA HIS A 158 -2.10 -2.97 16.51
C HIS A 158 -1.07 -3.08 17.65
N PRO A 159 -0.39 -2.00 18.12
CA PRO A 159 0.50 -2.13 19.26
C PRO A 159 -0.24 -2.53 20.55
N LEU A 160 -1.38 -1.86 20.80
CA LEU A 160 -2.31 -2.19 21.91
C LEU A 160 -2.62 -3.70 21.85
N ILE A 161 -2.96 -4.20 20.65
CA ILE A 161 -3.34 -5.62 20.47
C ILE A 161 -2.10 -6.50 20.76
N GLN A 162 -0.94 -6.16 20.23
CA GLN A 162 0.29 -6.97 20.40
C GLN A 162 0.66 -7.06 21.88
N LEU A 163 0.65 -5.92 22.59
CA LEU A 163 0.96 -5.83 24.02
C LEU A 163 -0.15 -6.54 24.81
N GLY A 164 -1.41 -6.32 24.42
CA GLY A 164 -2.58 -6.93 25.07
C GLY A 164 -2.44 -8.42 25.13
N PHE A 165 -2.10 -9.07 24.02
CA PHE A 165 -1.92 -10.54 23.99
C PHE A 165 -0.81 -10.90 24.99
N GLY A 166 0.31 -10.18 24.95
CA GLY A 166 1.44 -10.48 25.85
C GLY A 166 1.01 -10.40 27.31
N ILE A 167 0.29 -9.35 27.67
CA ILE A 167 -0.22 -9.12 29.06
C ILE A 167 -1.26 -10.19 29.37
N GLU A 168 -2.16 -10.50 28.42
CA GLU A 168 -3.22 -11.50 28.66
C GLU A 168 -2.58 -12.87 29.02
N PHE A 169 -1.57 -13.33 28.28
CA PHE A 169 -0.97 -14.67 28.48
C PHE A 169 0.28 -14.54 29.39
N GLU A 170 0.57 -13.36 29.94
CA GLU A 170 1.74 -13.11 30.82
C GLU A 170 2.97 -13.72 30.14
N LEU A 171 3.19 -13.34 28.89
CA LEU A 171 4.30 -13.89 28.07
C LEU A 171 5.35 -12.80 27.95
N PRO A 172 6.43 -12.83 28.75
CA PRO A 172 7.47 -11.80 28.69
C PRO A 172 7.94 -11.39 27.28
N GLY A 173 8.27 -12.35 26.44
CA GLY A 173 8.77 -12.08 25.09
C GLY A 173 7.72 -11.42 24.20
N LEU A 174 6.45 -11.74 24.44
CA LEU A 174 5.34 -11.16 23.64
C LEU A 174 5.04 -9.76 24.19
N VAL A 175 5.15 -9.55 25.48
CA VAL A 175 5.14 -8.15 26.04
C VAL A 175 6.24 -7.32 25.34
N ALA A 176 7.43 -7.88 25.16
CA ALA A 176 8.54 -7.18 24.49
C ALA A 176 8.19 -6.89 23.03
N GLU A 177 7.62 -7.86 22.28
CA GLU A 177 7.14 -7.61 20.89
C GLU A 177 6.23 -6.38 20.91
N GLY A 178 5.33 -6.29 21.88
CA GLY A 178 4.32 -5.24 21.91
C GLY A 178 4.93 -3.87 22.19
N LEU A 179 5.87 -3.81 23.12
CA LEU A 179 6.53 -2.52 23.50
C LEU A 179 7.39 -2.07 22.33
N ALA A 180 8.04 -2.98 21.62
CA ALA A 180 8.90 -2.69 20.45
C ALA A 180 8.06 -2.20 19.25
N HIS A 181 6.94 -2.88 18.98
CA HIS A 181 5.91 -2.46 18.00
C HIS A 181 5.46 -1.03 18.35
N CYS A 182 5.13 -0.80 19.61
CA CYS A 182 4.70 0.51 20.10
C CYS A 182 5.77 1.57 19.73
N ALA A 183 7.05 1.33 20.06
CA ALA A 183 8.16 2.29 19.83
C ALA A 183 8.37 2.56 18.35
N ALA A 184 8.34 1.53 17.49
CA ALA A 184 8.77 1.65 16.09
C ALA A 184 7.65 2.13 15.16
N HIS A 185 6.37 2.08 15.57
CA HIS A 185 5.22 2.31 14.66
C HIS A 185 5.34 3.72 14.05
N ASP A 186 5.18 3.86 12.74
CA ASP A 186 5.20 5.18 12.05
C ASP A 186 4.06 6.02 12.63
N ALA A 187 4.22 7.35 12.65
CA ALA A 187 3.26 8.27 13.29
C ALA A 187 2.19 8.72 12.30
N ALA A 188 0.94 8.71 12.75
CA ALA A 188 -0.20 9.30 12.02
C ALA A 188 -0.56 10.71 12.56
N ASN A 189 0.27 11.32 13.40
CA ASN A 189 -0.03 12.67 13.92
C ASN A 189 -1.27 12.56 14.80
N ILE A 190 -1.39 11.48 15.57
CA ILE A 190 -2.47 11.31 16.58
C ILE A 190 -1.98 11.78 17.95
N ILE A 191 -0.67 11.88 18.20
CA ILE A 191 -0.20 12.28 19.56
C ILE A 191 -0.75 13.68 19.89
N PRO A 192 -0.66 14.67 18.98
CA PRO A 192 -1.18 16.00 19.27
C PRO A 192 -2.70 15.98 19.46
N PHE A 193 -3.40 15.10 18.74
CA PHE A 193 -4.86 14.91 18.97
C PHE A 193 -5.06 14.46 20.41
N PHE A 194 -4.33 13.49 20.90
CA PHE A 194 -4.56 12.97 22.29
C PHE A 194 -4.23 14.10 23.29
N GLN A 195 -3.13 14.82 23.06
CA GLN A 195 -2.61 15.89 23.95
C GLN A 195 -3.66 16.99 23.99
N LYS A 196 -4.17 17.43 22.84
CA LYS A 196 -5.15 18.55 22.74
C LYS A 196 -6.46 18.12 23.40
N ALA A 197 -6.96 16.92 23.11
CA ALA A 197 -8.24 16.45 23.66
C ALA A 197 -8.14 16.37 25.19
N GLU A 198 -7.04 15.85 25.70
CA GLU A 198 -6.86 15.64 27.16
C GLU A 198 -6.71 17.00 27.86
N LYS A 199 -5.89 17.91 27.33
CA LYS A 199 -5.74 19.31 27.86
C LYS A 199 -7.13 19.95 27.93
N LEU A 200 -7.96 19.78 26.90
CA LEU A 200 -9.34 20.38 26.89
C LEU A 200 -10.16 19.70 28.01
N ALA A 201 -10.15 18.38 28.05
CA ALA A 201 -10.96 17.57 29.03
C ALA A 201 -10.56 17.97 30.45
N LYS A 202 -9.28 18.19 30.74
CA LYS A 202 -8.80 18.46 32.12
C LYS A 202 -8.96 19.95 32.46
N SER A 203 -9.29 20.82 31.50
CA SER A 203 -9.33 22.29 31.66
C SER A 203 -10.42 22.71 32.67
N GLY A 204 -11.45 21.88 32.88
CA GLY A 204 -12.68 22.29 33.59
C GLY A 204 -13.71 22.94 32.68
N SER A 205 -13.42 23.24 31.42
CA SER A 205 -14.36 24.03 30.58
C SER A 205 -15.19 23.20 29.60
N VAL A 206 -14.96 21.90 29.50
CA VAL A 206 -15.70 21.00 28.55
C VAL A 206 -16.59 20.06 29.37
N ALA A 207 -17.90 20.15 29.23
CA ALA A 207 -18.88 19.26 29.88
C ALA A 207 -18.82 17.87 29.25
N PRO A 208 -18.79 16.77 30.04
CA PRO A 208 -18.82 15.42 29.46
C PRO A 208 -20.12 15.22 28.66
N ALA A 209 -20.07 14.38 27.63
CA ALA A 209 -21.25 13.94 26.88
C ALA A 209 -21.13 12.43 26.61
N PRO A 210 -22.25 11.72 26.41
CA PRO A 210 -22.18 10.30 26.06
C PRO A 210 -21.49 10.12 24.71
N LEU A 211 -20.66 9.08 24.62
CA LEU A 211 -19.88 8.74 23.41
C LEU A 211 -20.78 8.68 22.18
N VAL A 212 -21.97 8.11 22.29
CA VAL A 212 -22.82 7.87 21.10
C VAL A 212 -23.18 9.23 20.48
N GLU A 213 -23.32 10.26 21.33
CA GLU A 213 -23.62 11.65 20.89
C GLU A 213 -22.36 12.26 20.27
N LEU A 214 -21.16 11.78 20.61
CA LEU A 214 -19.91 12.27 19.97
C LEU A 214 -19.71 11.62 18.59
N TYR A 215 -20.09 10.37 18.41
CA TYR A 215 -20.16 9.80 17.04
C TYR A 215 -21.09 10.67 16.18
N LYS A 216 -22.29 11.01 16.70
CA LYS A 216 -23.30 11.87 16.01
C LYS A 216 -22.67 13.22 15.62
N GLU A 217 -21.95 13.84 16.54
CA GLU A 217 -21.36 15.19 16.31
C GLU A 217 -20.30 15.09 15.21
N VAL A 218 -19.48 14.03 15.21
CA VAL A 218 -18.47 13.79 14.13
C VAL A 218 -19.20 13.72 12.77
N ARG A 219 -20.30 12.97 12.72
CA ARG A 219 -21.05 12.79 11.46
C ARG A 219 -21.65 14.14 11.02
N ASP A 220 -22.16 14.92 11.97
CA ASP A 220 -22.94 16.15 11.70
C ASP A 220 -22.03 17.37 11.51
N THR A 221 -20.72 17.27 11.75
CA THR A 221 -19.78 18.38 11.52
C THR A 221 -19.06 18.13 10.20
N GLU A 222 -19.47 18.86 9.17
CA GLU A 222 -19.08 18.59 7.77
C GLU A 222 -17.54 18.63 7.67
N LYS A 223 -16.88 19.57 8.35
CA LYS A 223 -15.40 19.71 8.24
C LYS A 223 -14.70 18.45 8.79
N ILE A 224 -15.30 17.77 9.76
CA ILE A 224 -14.73 16.51 10.31
C ILE A 224 -15.10 15.33 9.39
N ARG A 225 -16.38 15.19 9.06
CA ARG A 225 -16.87 14.05 8.25
C ARG A 225 -16.10 13.96 6.93
N LEU A 226 -15.84 15.09 6.29
CA LEU A 226 -15.26 15.13 4.91
C LEU A 226 -13.74 15.32 4.94
N ALA A 227 -13.12 15.33 6.11
CA ALA A 227 -11.64 15.46 6.19
C ALA A 227 -10.97 14.30 5.46
N ALA A 228 -11.31 13.05 5.78
CA ALA A 228 -10.69 11.89 5.11
C ALA A 228 -11.24 11.73 3.69
N LYS A 229 -10.37 11.29 2.78
CA LYS A 229 -10.71 10.98 1.37
C LYS A 229 -10.59 9.46 1.14
N MET A 230 -11.51 8.92 0.37
CA MET A 230 -11.54 7.46 0.10
C MET A 230 -10.14 7.03 -0.35
N THR A 231 -9.53 7.71 -1.30
CA THR A 231 -8.27 7.21 -1.93
C THR A 231 -7.05 7.59 -1.11
N GLN A 232 -7.22 8.24 0.06
CA GLN A 232 -6.08 8.31 1.03
C GLN A 232 -5.81 6.92 1.62
N GLY A 233 -6.76 5.98 1.52
CA GLY A 233 -6.56 4.55 1.91
C GLY A 233 -5.98 4.44 3.33
N PRO A 234 -4.80 3.78 3.52
CA PRO A 234 -4.23 3.61 4.86
C PRO A 234 -3.79 4.92 5.56
N VAL A 235 -3.74 6.05 4.86
CA VAL A 235 -3.27 7.32 5.45
C VAL A 235 -4.39 8.36 5.51
N ARG A 236 -5.65 7.93 5.62
CA ARG A 236 -6.81 8.84 5.84
C ARG A 236 -6.63 9.60 7.18
N VAL A 237 -6.14 8.91 8.22
CA VAL A 237 -6.00 9.53 9.56
C VAL A 237 -4.90 10.60 9.47
N ARG A 238 -3.70 10.21 9.08
CA ARG A 238 -2.56 11.17 9.05
C ARG A 238 -2.90 12.35 8.13
N ASP A 239 -3.25 12.08 6.88
CA ASP A 239 -3.29 13.14 5.84
C ASP A 239 -4.68 13.76 5.74
N GLY A 240 -5.71 13.15 6.34
CA GLY A 240 -7.09 13.67 6.26
C GLY A 240 -7.58 14.15 7.59
N VAL A 241 -7.93 13.24 8.51
CA VAL A 241 -8.60 13.63 9.77
C VAL A 241 -7.63 14.51 10.58
N MET A 242 -6.37 14.11 10.71
CA MET A 242 -5.38 14.89 11.48
C MET A 242 -4.88 16.07 10.61
N GLY A 243 -4.73 15.89 9.30
CA GLY A 243 -4.21 16.92 8.38
C GLY A 243 -5.15 18.10 8.30
N GLU A 244 -6.46 17.87 8.37
CA GLU A 244 -7.46 18.93 8.09
C GLU A 244 -8.26 19.31 9.32
N ALA A 245 -8.49 18.40 10.28
CA ALA A 245 -9.54 18.60 11.29
C ALA A 245 -9.06 18.17 12.67
N GLN A 246 -7.76 18.22 12.92
CA GLN A 246 -7.22 17.78 14.22
C GLN A 246 -7.86 18.57 15.36
N ASP A 247 -7.84 19.90 15.30
CA ASP A 247 -8.35 20.72 16.44
C ASP A 247 -9.84 20.45 16.58
N ASP A 248 -10.53 20.30 15.45
CA ASP A 248 -12.01 20.17 15.43
C ASP A 248 -12.40 18.88 16.14
N ILE A 249 -11.77 17.77 15.76
CA ILE A 249 -12.16 16.46 16.33
C ILE A 249 -11.58 16.36 17.75
N ALA A 250 -10.44 17.01 18.04
CA ALA A 250 -9.91 17.08 19.44
C ALA A 250 -10.98 17.68 20.39
N ALA A 251 -11.68 18.73 19.94
CA ALA A 251 -12.71 19.46 20.73
C ALA A 251 -13.93 18.56 20.96
N VAL A 252 -14.25 17.67 20.02
CA VAL A 252 -15.38 16.71 20.18
C VAL A 252 -14.90 15.66 21.19
N ALA A 253 -13.71 15.11 20.94
CA ALA A 253 -13.15 13.97 21.72
C ALA A 253 -12.96 14.38 23.19
N ALA A 254 -12.73 15.68 23.46
CA ALA A 254 -12.52 16.18 24.84
C ALA A 254 -13.77 15.96 25.68
N LYS A 255 -14.94 15.79 25.05
CA LYS A 255 -16.22 15.62 25.79
C LYS A 255 -16.36 14.19 26.33
N PHE A 256 -15.51 13.26 25.90
CA PHE A 256 -15.51 11.88 26.46
C PHE A 256 -14.60 11.86 27.67
N GLN A 257 -15.23 11.75 28.84
CA GLN A 257 -14.61 11.93 30.18
C GLN A 257 -15.18 10.88 31.11
N VAL A 258 -14.29 10.15 31.77
CA VAL A 258 -14.62 9.04 32.68
C VAL A 258 -14.31 9.47 34.12
N GLY A 259 -15.34 9.38 34.97
CA GLY A 259 -15.19 9.64 36.42
C GLY A 259 -14.43 8.54 37.14
N PRO A 260 -13.91 8.82 38.37
CA PRO A 260 -13.03 7.89 39.07
C PRO A 260 -13.67 6.51 39.33
N ASP A 261 -15.00 6.41 39.37
CA ASP A 261 -15.73 5.14 39.59
C ASP A 261 -16.33 4.64 38.25
N GLY A 262 -15.86 5.17 37.11
CA GLY A 262 -16.52 4.97 35.79
C GLY A 262 -15.87 3.91 34.91
N LEU A 263 -14.81 3.22 35.34
CA LEU A 263 -13.97 2.40 34.44
C LEU A 263 -14.81 1.32 33.74
N LYS A 264 -15.59 0.52 34.48
CA LYS A 264 -16.30 -0.63 33.87
C LYS A 264 -17.30 -0.10 32.85
N GLN A 265 -18.09 0.91 33.21
CA GLN A 265 -19.15 1.44 32.31
C GLN A 265 -18.47 2.10 31.11
N ALA A 266 -17.30 2.70 31.26
CA ALA A 266 -16.60 3.29 30.08
C ALA A 266 -16.13 2.20 29.12
N ILE A 267 -15.61 1.07 29.62
CA ILE A 267 -15.26 -0.10 28.74
C ILE A 267 -16.53 -0.53 28.01
N ILE A 268 -17.64 -0.67 28.73
CA ILE A 268 -18.90 -1.16 28.11
C ILE A 268 -19.34 -0.12 27.07
N GLU A 269 -19.34 1.16 27.45
CA GLU A 269 -19.77 2.24 26.53
C GLU A 269 -18.89 2.24 25.27
N THR A 270 -17.57 2.19 25.39
CA THR A 270 -16.70 2.28 24.18
C THR A 270 -16.91 1.02 23.33
N THR A 271 -17.04 -0.15 23.98
CA THR A 271 -17.19 -1.44 23.24
C THR A 271 -18.52 -1.45 22.51
N SER A 272 -19.56 -0.97 23.18
CA SER A 272 -20.92 -0.95 22.63
C SER A 272 -20.98 0.01 21.43
N CYS A 273 -20.41 1.20 21.53
CA CYS A 273 -20.41 2.16 20.38
C CYS A 273 -19.60 1.56 19.21
N ALA A 274 -18.50 0.86 19.49
CA ALA A 274 -17.70 0.24 18.41
C ALA A 274 -18.53 -0.86 17.71
N ALA A 275 -19.21 -1.70 18.48
CA ALA A 275 -20.07 -2.79 17.94
C ALA A 275 -21.17 -2.16 17.10
N TYR A 276 -21.72 -1.05 17.59
CA TYR A 276 -22.84 -0.31 16.94
C TYR A 276 -22.38 0.24 15.59
N SER A 277 -21.13 0.71 15.53
CA SER A 277 -20.41 1.11 14.28
C SER A 277 -20.50 -0.03 13.29
N CYS A 278 -20.02 -1.18 13.72
CA CYS A 278 -19.95 -2.39 12.86
C CYS A 278 -21.35 -2.72 12.34
N GLY A 279 -22.30 -2.97 13.23
CA GLY A 279 -23.60 -3.55 12.84
C GLY A 279 -24.51 -2.50 12.22
N GLY A 280 -24.35 -1.23 12.60
CA GLY A 280 -25.31 -0.18 12.22
C GLY A 280 -24.99 0.59 10.95
N ALA A 281 -23.80 0.43 10.36
CA ALA A 281 -23.38 1.13 9.11
C ALA A 281 -23.73 0.30 7.89
N GLN A 282 -24.98 -0.16 7.79
CA GLN A 282 -25.45 -0.95 6.63
C GLN A 282 -26.20 0.00 5.67
N ARG A 283 -26.48 -0.48 4.45
CA ARG A 283 -27.19 0.26 3.38
C ARG A 283 -28.44 -0.52 2.94
N PRO A 284 -29.54 0.21 2.59
CA PRO A 284 -30.73 -0.45 2.07
C PRO A 284 -30.38 -1.19 0.80
N GLY A 285 -30.87 -2.42 0.64
CA GLY A 285 -30.72 -3.21 -0.60
C GLY A 285 -29.34 -3.83 -0.76
N LYS A 286 -28.48 -3.81 0.27
CA LYS A 286 -27.14 -4.42 0.17
C LYS A 286 -27.05 -5.57 1.17
N VAL A 287 -26.29 -6.63 0.86
CA VAL A 287 -25.87 -7.63 1.88
C VAL A 287 -25.13 -6.87 3.01
N ALA A 288 -25.19 -7.40 4.21
CA ALA A 288 -24.44 -6.92 5.38
C ALA A 288 -22.95 -7.04 5.08
N LYS A 289 -22.22 -5.95 5.34
CA LYS A 289 -20.73 -5.95 5.38
C LYS A 289 -20.29 -5.20 6.64
N VAL A 290 -19.18 -5.65 7.22
CA VAL A 290 -18.58 -5.02 8.43
C VAL A 290 -17.34 -4.24 7.99
N ASP A 291 -17.27 -2.99 8.43
CA ASP A 291 -16.18 -2.06 8.09
C ASP A 291 -14.92 -2.58 8.78
N PHE A 292 -13.82 -2.62 8.03
CA PHE A 292 -12.49 -3.14 8.45
C PHE A 292 -12.01 -2.40 9.70
N PHE A 293 -12.20 -1.09 9.74
CA PHE A 293 -11.68 -0.17 10.77
C PHE A 293 -12.57 -0.31 12.01
N PHE A 294 -13.90 -0.37 11.82
CA PHE A 294 -14.85 -0.60 12.92
C PHE A 294 -14.58 -1.96 13.55
N MET A 295 -14.21 -2.95 12.74
CA MET A 295 -13.82 -4.29 13.25
C MET A 295 -12.59 -4.17 14.19
N HIS A 296 -11.59 -3.34 13.83
CA HIS A 296 -10.38 -3.06 14.67
C HIS A 296 -10.81 -2.36 15.96
N MET A 297 -11.82 -1.48 15.88
CA MET A 297 -12.36 -0.82 17.09
C MET A 297 -12.97 -1.85 18.06
N VAL A 298 -13.63 -2.89 17.55
CA VAL A 298 -14.23 -3.95 18.40
C VAL A 298 -13.12 -4.92 18.86
N VAL A 299 -12.24 -5.36 17.96
CA VAL A 299 -11.24 -6.38 18.40
C VAL A 299 -10.36 -5.82 19.50
N SER A 300 -9.99 -4.54 19.45
CA SER A 300 -9.07 -3.94 20.47
C SER A 300 -9.73 -3.88 21.85
N SER A 301 -11.06 -3.89 21.89
CA SER A 301 -11.87 -3.59 23.10
C SER A 301 -11.57 -4.61 24.20
N ILE A 302 -11.32 -5.89 23.86
CA ILE A 302 -11.02 -6.96 24.86
C ILE A 302 -9.74 -6.60 25.64
N PHE A 303 -8.79 -5.93 25.02
CA PHE A 303 -7.50 -5.64 25.66
C PHE A 303 -7.68 -4.49 26.65
N LEU A 304 -8.71 -3.64 26.49
CA LEU A 304 -9.06 -2.65 27.54
C LEU A 304 -9.59 -3.41 28.77
N SER A 305 -10.42 -4.44 28.56
CA SER A 305 -11.01 -5.26 29.66
C SER A 305 -9.89 -5.96 30.43
N ILE A 306 -8.88 -6.45 29.71
CA ILE A 306 -7.75 -7.23 30.26
C ILE A 306 -6.83 -6.28 31.02
N LEU A 307 -6.49 -5.13 30.44
CA LEU A 307 -5.65 -4.12 31.12
C LEU A 307 -6.35 -3.62 32.38
N ALA A 308 -7.68 -3.53 32.33
CA ALA A 308 -8.50 -3.06 33.48
C ALA A 308 -8.38 -4.00 34.68
N ARG A 309 -8.02 -5.27 34.46
CA ARG A 309 -7.98 -6.29 35.53
C ARG A 309 -6.55 -6.51 35.99
N GLN A 310 -5.57 -5.71 35.56
CA GLN A 310 -4.16 -5.90 35.99
C GLN A 310 -3.96 -5.25 37.38
N ASP A 311 -3.53 -6.05 38.36
CA ASP A 311 -3.22 -5.64 39.76
C ASP A 311 -2.07 -4.64 39.80
N TRP A 312 -1.19 -4.65 38.81
CA TRP A 312 0.07 -3.85 38.86
C TRP A 312 -0.15 -2.46 38.23
N LEU A 313 -1.37 -2.13 37.81
CA LEU A 313 -1.67 -0.88 37.06
C LEU A 313 -2.68 -0.10 37.86
N GLU A 314 -2.46 1.20 38.04
CA GLU A 314 -3.36 2.03 38.88
C GLU A 314 -4.65 2.32 38.11
N THR A 315 -5.74 2.50 38.85
CA THR A 315 -7.06 2.78 38.26
C THR A 315 -7.00 4.03 37.38
N GLU A 316 -6.24 5.04 37.79
CA GLU A 316 -6.07 6.31 37.03
C GLU A 316 -5.63 5.98 35.60
N ASP A 317 -4.61 5.13 35.47
CA ASP A 317 -4.02 4.70 34.19
C ASP A 317 -5.01 3.87 33.37
N LYS A 318 -5.71 2.95 34.02
CA LYS A 318 -6.80 2.17 33.37
C LYS A 318 -7.82 3.12 32.74
N ILE A 319 -8.27 4.12 33.51
CA ILE A 319 -9.28 5.12 33.08
C ILE A 319 -8.71 5.92 31.88
N ARG A 320 -7.43 6.31 31.95
CA ARG A 320 -6.76 7.11 30.88
C ARG A 320 -6.67 6.32 29.56
N LEU A 321 -6.33 5.04 29.62
CA LEU A 321 -6.35 4.15 28.43
C LEU A 321 -7.71 4.16 27.75
N VAL A 322 -8.80 4.00 28.51
CA VAL A 322 -10.16 3.84 27.94
C VAL A 322 -10.59 5.19 27.34
N GLU A 323 -10.28 6.28 28.03
CA GLU A 323 -10.53 7.64 27.51
C GLU A 323 -9.86 7.81 26.14
N TRP A 324 -8.58 7.50 26.04
CA TRP A 324 -7.82 7.73 24.78
C TRP A 324 -8.39 6.84 23.66
N LYS A 325 -8.69 5.58 23.98
CA LYS A 325 -9.26 4.61 23.01
C LYS A 325 -10.62 5.13 22.52
N GLY A 326 -11.52 5.51 23.41
CA GLY A 326 -12.83 6.04 23.00
C GLY A 326 -12.67 7.28 22.13
N ARG A 327 -11.72 8.14 22.49
CA ARG A 327 -11.46 9.37 21.70
C ARG A 327 -10.96 8.99 20.30
N LEU A 328 -10.03 8.05 20.20
CA LEU A 328 -9.51 7.68 18.87
C LEU A 328 -10.53 6.87 18.05
N ASP A 329 -11.46 6.16 18.68
CA ASP A 329 -12.56 5.51 17.93
C ASP A 329 -13.32 6.59 17.12
N LEU A 330 -13.44 7.81 17.65
CA LEU A 330 -14.10 8.92 16.94
C LEU A 330 -13.33 9.27 15.69
N VAL A 331 -12.01 9.20 15.76
CA VAL A 331 -11.11 9.47 14.61
C VAL A 331 -11.24 8.38 13.53
N TRP A 332 -11.27 7.10 13.94
CA TRP A 332 -11.50 5.98 12.98
C TRP A 332 -12.92 6.10 12.40
N TYR A 333 -13.92 6.48 13.19
CA TYR A 333 -15.29 6.69 12.65
C TYR A 333 -15.22 7.76 11.54
N ALA A 334 -14.59 8.90 11.82
CA ALA A 334 -14.38 10.00 10.83
C ALA A 334 -13.69 9.43 9.59
N ALA A 335 -12.66 8.62 9.76
CA ALA A 335 -11.80 8.13 8.64
C ALA A 335 -12.60 7.24 7.69
N SER A 336 -13.66 6.59 8.13
CA SER A 336 -14.58 5.80 7.25
C SER A 336 -15.69 6.69 6.67
N SER A 337 -15.60 8.02 6.83
CA SER A 337 -16.62 9.02 6.36
C SER A 337 -17.89 8.98 7.24
N ALA A 338 -17.76 8.61 8.49
CA ALA A 338 -18.79 8.83 9.54
C ALA A 338 -20.16 8.40 9.02
N PRO A 339 -20.32 7.11 8.63
CA PRO A 339 -21.55 6.63 8.05
C PRO A 339 -22.72 6.75 9.05
N ALA A 340 -23.91 6.99 8.54
CA ALA A 340 -25.13 6.99 9.37
C ALA A 340 -25.26 5.62 10.03
N LEU A 341 -25.60 5.61 11.31
CA LEU A 341 -25.78 4.36 12.07
C LEU A 341 -27.26 4.26 12.42
N ASP A 342 -27.76 3.03 12.43
CA ASP A 342 -29.16 2.76 12.82
C ASP A 342 -29.17 1.40 13.50
N ARG A 343 -29.75 1.34 14.69
CA ARG A 343 -29.92 0.11 15.51
C ARG A 343 -30.76 -0.93 14.77
N LYS A 344 -31.59 -0.52 13.80
CA LYS A 344 -32.50 -1.48 13.14
C LYS A 344 -31.67 -2.56 12.42
N TRP A 345 -30.48 -2.26 11.91
CA TRP A 345 -29.84 -3.23 10.98
C TRP A 345 -29.51 -4.52 11.73
N LEU A 346 -28.92 -4.39 12.92
CA LEU A 346 -28.48 -5.54 13.72
C LEU A 346 -29.72 -6.23 14.36
N GLU A 347 -30.68 -5.43 14.83
CA GLU A 347 -32.01 -5.88 15.36
C GLU A 347 -32.65 -6.80 14.29
N GLN A 348 -32.65 -6.42 13.03
CA GLN A 348 -33.41 -7.10 11.94
C GLN A 348 -32.56 -8.13 11.19
N TYR A 349 -31.24 -8.17 11.42
CA TYR A 349 -30.31 -9.04 10.65
C TYR A 349 -30.76 -10.48 10.85
N GLN A 350 -30.88 -11.23 9.77
CA GLN A 350 -31.20 -12.66 9.80
C GLN A 350 -29.94 -13.44 9.43
N PRO A 351 -29.32 -14.17 10.37
CA PRO A 351 -28.11 -14.93 10.06
C PRO A 351 -28.34 -15.93 8.93
N THR A 352 -27.30 -16.19 8.14
CA THR A 352 -27.33 -17.12 6.98
C THR A 352 -26.50 -18.37 7.34
N LEU A 353 -25.20 -18.33 7.05
CA LEU A 353 -24.26 -19.46 7.27
C LEU A 353 -24.27 -19.84 8.74
N SER A 354 -24.37 -18.85 9.65
CA SER A 354 -24.29 -19.08 11.10
C SER A 354 -25.67 -19.25 11.76
N ALA A 355 -26.76 -19.33 10.99
CA ALA A 355 -28.14 -19.45 11.53
C ALA A 355 -28.23 -20.69 12.44
N GLY A 356 -28.69 -20.50 13.65
CA GLY A 356 -28.98 -21.63 14.57
C GLY A 356 -27.75 -22.07 15.34
N MET A 357 -26.56 -21.51 15.10
CA MET A 357 -25.32 -21.79 15.88
C MET A 357 -25.44 -21.13 17.25
N ASP A 358 -24.83 -21.70 18.27
CA ASP A 358 -24.56 -21.00 19.56
C ASP A 358 -23.10 -20.52 19.51
N TRP A 359 -22.56 -19.97 20.58
CA TRP A 359 -21.14 -19.50 20.61
C TRP A 359 -20.19 -20.65 20.34
N ARG A 360 -20.43 -21.83 20.94
CA ARG A 360 -19.52 -22.99 20.82
C ARG A 360 -19.43 -23.39 19.36
N ALA A 361 -20.55 -23.42 18.67
CA ALA A 361 -20.55 -23.83 17.25
C ALA A 361 -19.91 -22.73 16.38
N LEU A 362 -20.13 -21.45 16.69
CA LEU A 362 -19.54 -20.35 15.90
C LEU A 362 -18.03 -20.42 16.11
N TYR A 363 -17.58 -20.60 17.36
CA TYR A 363 -16.14 -20.71 17.67
C TYR A 363 -15.53 -21.82 16.81
N ARG A 364 -16.16 -23.00 16.83
CA ARG A 364 -15.67 -24.18 16.06
C ARG A 364 -15.58 -23.84 14.56
N ALA A 365 -16.60 -23.17 14.03
CA ALA A 365 -16.65 -22.81 12.60
C ALA A 365 -15.52 -21.80 12.29
N VAL A 366 -15.24 -20.89 13.21
CA VAL A 366 -14.20 -19.86 13.02
C VAL A 366 -12.82 -20.53 13.06
N THR A 367 -12.59 -21.55 13.92
CA THR A 367 -11.28 -22.23 13.99
C THR A 367 -10.83 -22.76 12.61
N VAL A 368 -11.74 -23.18 11.76
CA VAL A 368 -11.34 -23.82 10.47
C VAL A 368 -11.42 -22.82 9.32
N GLU A 369 -11.89 -21.56 9.52
CA GLU A 369 -12.16 -20.65 8.37
C GLU A 369 -10.85 -20.01 7.90
N PRO A 370 -10.42 -20.16 6.62
CA PRO A 370 -9.23 -19.47 6.14
C PRO A 370 -9.38 -17.97 6.38
N ASP A 371 -8.38 -17.40 7.06
CA ASP A 371 -8.48 -16.01 7.57
C ASP A 371 -7.12 -15.61 8.13
N ASP A 372 -6.88 -14.30 8.23
CA ASP A 372 -5.61 -13.74 8.77
C ASP A 372 -5.67 -13.53 10.27
N GLY A 373 -6.80 -13.85 10.91
CA GLY A 373 -6.95 -13.74 12.38
C GLY A 373 -8.03 -12.75 12.79
N HIS A 374 -8.49 -11.85 11.91
CA HIS A 374 -9.47 -10.82 12.36
C HIS A 374 -10.80 -11.51 12.74
N LEU A 375 -11.20 -12.58 12.07
CA LEU A 375 -12.51 -13.22 12.36
C LEU A 375 -12.50 -13.79 13.77
N ALA A 376 -11.48 -14.56 14.11
CA ALA A 376 -11.28 -15.11 15.46
C ALA A 376 -11.21 -13.97 16.48
N LYS A 377 -10.50 -12.89 16.17
CA LYS A 377 -10.41 -11.75 17.13
C LYS A 377 -11.76 -11.08 17.35
N ILE A 378 -12.54 -10.83 16.28
CA ILE A 378 -13.79 -10.03 16.46
C ILE A 378 -14.80 -10.91 17.20
N VAL A 379 -14.84 -12.21 16.95
CA VAL A 379 -15.88 -13.08 17.59
C VAL A 379 -15.48 -13.24 19.06
N ARG A 380 -14.21 -13.37 19.38
CA ARG A 380 -13.79 -13.49 20.81
C ARG A 380 -14.09 -12.18 21.55
N SER A 381 -13.78 -11.03 20.96
CA SER A 381 -14.05 -9.73 21.65
C SER A 381 -15.55 -9.62 21.90
N LEU A 382 -16.36 -10.12 20.99
CA LEU A 382 -17.84 -9.99 21.16
C LEU A 382 -18.31 -10.95 22.25
N LYS A 383 -17.77 -12.16 22.35
CA LYS A 383 -18.15 -13.07 23.45
C LYS A 383 -17.72 -12.43 24.76
N TRP A 384 -16.50 -11.90 24.81
CA TRP A 384 -16.01 -11.31 26.07
C TRP A 384 -16.91 -10.10 26.41
N ALA A 385 -17.30 -9.30 25.41
CA ALA A 385 -18.14 -8.10 25.61
C ALA A 385 -19.44 -8.51 26.29
N GLU A 386 -19.97 -9.65 25.87
CA GLU A 386 -21.21 -10.20 26.48
C GLU A 386 -20.98 -10.42 27.99
N GLU A 387 -19.80 -10.92 28.39
CA GLU A 387 -19.46 -11.19 29.81
C GLU A 387 -19.27 -9.85 30.53
N GLU A 388 -18.42 -8.95 29.99
CA GLU A 388 -18.15 -7.60 30.56
C GLU A 388 -19.47 -6.88 30.85
N ALA A 389 -20.43 -6.96 29.92
CA ALA A 389 -21.68 -6.16 29.94
C ALA A 389 -22.86 -6.99 30.43
N LYS A 390 -22.61 -8.10 31.13
CA LYS A 390 -23.66 -9.00 31.71
C LYS A 390 -24.64 -8.13 32.48
N GLY A 391 -25.94 -8.26 32.19
CA GLY A 391 -26.98 -7.53 32.90
C GLY A 391 -27.17 -6.10 32.40
N VAL A 392 -26.38 -5.63 31.42
CA VAL A 392 -26.59 -4.28 30.83
C VAL A 392 -27.46 -4.42 29.57
N GLU A 393 -28.51 -3.61 29.46
CA GLU A 393 -29.46 -3.66 28.33
C GLU A 393 -29.22 -2.41 27.50
N THR A 394 -29.77 -2.36 26.29
CA THR A 394 -29.66 -1.18 25.40
C THR A 394 -30.32 0.02 26.09
N SER A 395 -29.81 1.20 25.82
CA SER A 395 -30.35 2.47 26.41
C SER A 395 -29.96 3.59 25.47
N GLU A 396 -30.29 4.84 25.81
CA GLU A 396 -29.90 6.01 25.00
C GLU A 396 -28.36 6.02 24.83
N THR A 397 -27.57 5.52 25.77
CA THR A 397 -26.07 5.62 25.70
C THR A 397 -25.42 4.28 25.34
N ILE A 398 -26.12 3.15 25.46
CA ILE A 398 -25.54 1.80 25.18
C ILE A 398 -26.32 1.24 24.02
N PRO A 399 -25.87 1.47 22.77
CA PRO A 399 -26.70 1.16 21.60
C PRO A 399 -26.74 -0.33 21.18
N VAL A 400 -25.78 -1.11 21.65
CA VAL A 400 -25.70 -2.59 21.42
C VAL A 400 -25.49 -3.27 22.77
N ALA A 401 -26.33 -4.25 23.10
CA ALA A 401 -26.16 -5.09 24.31
C ALA A 401 -27.03 -6.35 24.18
N GLY A 402 -27.02 -7.24 25.18
CA GLY A 402 -27.88 -8.44 25.20
C GLY A 402 -27.54 -9.34 24.02
N SER A 403 -28.52 -9.63 23.19
CA SER A 403 -28.40 -10.55 22.04
C SER A 403 -27.63 -9.89 20.88
N GLY A 404 -27.38 -8.58 20.92
CA GLY A 404 -26.70 -7.88 19.80
C GLY A 404 -25.24 -8.30 19.64
N TRP A 405 -24.57 -8.65 20.74
CA TRP A 405 -23.13 -9.05 20.68
C TRP A 405 -22.99 -10.27 19.76
N PHE A 406 -23.80 -11.29 20.00
CA PHE A 406 -23.71 -12.57 19.23
C PHE A 406 -24.23 -12.33 17.82
N LYS A 407 -25.30 -11.57 17.68
CA LYS A 407 -25.85 -11.22 16.35
C LYS A 407 -24.75 -10.55 15.49
N LEU A 408 -23.94 -9.66 16.07
CA LEU A 408 -22.80 -9.06 15.31
C LEU A 408 -21.76 -10.12 14.94
N ALA A 409 -21.47 -11.04 15.85
CA ALA A 409 -20.49 -12.13 15.60
C ALA A 409 -20.99 -12.99 14.40
N GLN A 410 -22.28 -13.29 14.37
CA GLN A 410 -22.93 -13.99 13.25
C GLN A 410 -22.79 -13.17 11.96
N MET A 411 -23.06 -11.86 12.01
CA MET A 411 -22.91 -11.00 10.80
C MET A 411 -21.44 -11.01 10.31
N ALA A 412 -20.49 -10.94 11.22
CA ALA A 412 -19.04 -10.93 10.86
C ALA A 412 -18.70 -12.25 10.18
N TYR A 413 -19.19 -13.36 10.73
CA TYR A 413 -18.93 -14.70 10.14
C TYR A 413 -19.60 -14.79 8.75
N ASP A 414 -20.89 -14.48 8.68
CA ASP A 414 -21.71 -14.68 7.45
C ASP A 414 -21.17 -13.82 6.32
N SER A 415 -20.74 -12.62 6.66
CA SER A 415 -20.35 -11.59 5.68
C SER A 415 -18.88 -11.79 5.26
N THR A 416 -18.12 -12.69 5.89
CA THR A 416 -16.68 -12.88 5.52
C THR A 416 -16.33 -14.31 5.11
N ALA A 417 -17.06 -15.30 5.58
CA ALA A 417 -16.68 -16.72 5.37
C ALA A 417 -16.73 -17.03 3.87
N HIS A 418 -15.81 -17.88 3.42
CA HIS A 418 -15.71 -18.39 2.01
C HIS A 418 -15.37 -17.27 1.03
N LEU A 419 -14.92 -16.09 1.48
CA LEU A 419 -14.46 -14.99 0.57
C LEU A 419 -12.94 -14.88 0.61
N PRO A 420 -12.24 -14.48 -0.46
CA PRO A 420 -10.81 -14.18 -0.34
C PRO A 420 -10.66 -12.97 0.59
N ILE A 421 -9.51 -12.87 1.22
CA ILE A 421 -9.22 -11.81 2.22
C ILE A 421 -9.68 -10.43 1.73
N PRO A 422 -9.35 -9.94 0.50
CA PRO A 422 -9.68 -8.57 0.10
C PRO A 422 -11.17 -8.24 -0.01
N ALA A 423 -12.02 -9.25 -0.09
CA ALA A 423 -13.48 -9.09 -0.25
C ALA A 423 -14.17 -9.13 1.11
N LYS A 424 -13.42 -9.41 2.20
CA LYS A 424 -14.05 -9.78 3.51
C LYS A 424 -14.67 -8.54 4.17
N TRP A 425 -13.90 -7.47 4.35
CA TRP A 425 -14.32 -6.28 5.17
C TRP A 425 -14.41 -5.03 4.29
N ILE A 426 -15.44 -4.20 4.44
CA ILE A 426 -15.54 -2.97 3.63
C ILE A 426 -14.57 -1.92 4.19
N MET A 427 -13.73 -1.32 3.33
CA MET A 427 -12.62 -0.42 3.74
C MET A 427 -13.12 1.04 3.83
N GLY A 428 -14.21 1.28 4.55
CA GLY A 428 -14.78 2.63 4.79
C GLY A 428 -16.26 2.70 4.45
N ALA A 429 -17.14 2.26 5.36
CA ALA A 429 -18.59 2.08 5.10
C ALA A 429 -19.27 3.41 4.69
N GLY A 430 -18.68 4.54 5.06
CA GLY A 430 -19.23 5.86 4.70
C GLY A 430 -19.03 6.21 3.24
N TYR A 431 -18.11 5.56 2.53
CA TYR A 431 -17.82 5.96 1.13
C TYR A 431 -18.79 5.20 0.20
N ASP A 432 -19.70 5.94 -0.42
CA ASP A 432 -20.80 5.41 -1.26
C ASP A 432 -20.21 4.47 -2.29
N PHE A 433 -19.09 4.85 -2.87
CA PHE A 433 -18.48 4.14 -4.00
C PHE A 433 -18.13 2.70 -3.61
N LEU A 434 -17.68 2.46 -2.37
CA LEU A 434 -17.23 1.12 -1.93
C LEU A 434 -18.45 0.17 -1.90
N TRP A 435 -19.66 0.71 -1.75
CA TRP A 435 -20.88 -0.13 -1.78
C TRP A 435 -21.24 -0.56 -3.20
N THR A 436 -20.69 0.06 -4.26
CA THR A 436 -21.02 -0.35 -5.66
C THR A 436 -20.34 -1.69 -5.93
N ARG A 437 -19.36 -2.10 -5.11
CA ARG A 437 -18.64 -3.39 -5.26
C ARG A 437 -19.20 -4.39 -4.25
N VAL A 438 -20.33 -4.11 -3.64
CA VAL A 438 -20.91 -5.03 -2.64
C VAL A 438 -22.19 -5.59 -3.27
N ASP A 439 -22.47 -6.87 -3.04
CA ASP A 439 -23.61 -7.59 -3.66
C ASP A 439 -24.91 -6.90 -3.23
N SER A 440 -25.86 -6.76 -4.14
CA SER A 440 -27.25 -6.34 -3.81
C SER A 440 -27.98 -7.54 -3.22
N LEU A 441 -29.10 -7.33 -2.54
CA LEU A 441 -30.05 -8.40 -2.17
C LEU A 441 -30.80 -8.88 -3.42
N THR B 2 -18.38 25.17 -19.79
CA THR B 2 -18.20 25.13 -21.27
C THR B 2 -17.45 23.85 -21.65
N VAL B 3 -18.02 23.04 -22.55
CA VAL B 3 -17.37 21.79 -23.05
C VAL B 3 -16.26 22.22 -24.02
N LEU B 4 -15.10 21.58 -23.92
CA LEU B 4 -13.92 21.76 -24.81
C LEU B 4 -13.84 20.60 -25.81
N ALA B 5 -13.46 20.86 -27.07
CA ALA B 5 -13.24 19.82 -28.10
C ALA B 5 -12.08 18.93 -27.67
N THR B 6 -11.14 19.47 -26.87
CA THR B 6 -10.00 18.73 -26.27
C THR B 6 -10.51 17.55 -25.40
N SER B 7 -11.59 17.71 -24.63
CA SER B 7 -12.18 16.69 -23.72
C SER B 7 -12.67 15.47 -24.50
N ARG B 8 -12.97 15.59 -25.79
CA ARG B 8 -13.46 14.45 -26.62
C ARG B 8 -12.23 13.69 -27.16
N LEU B 9 -11.98 12.45 -26.72
CA LEU B 9 -10.91 11.57 -27.27
C LEU B 9 -11.51 10.74 -28.42
N HIS B 10 -11.05 10.94 -29.65
CA HIS B 10 -11.51 10.20 -30.84
C HIS B 10 -10.31 9.76 -31.67
N ILE B 11 -10.03 8.47 -31.70
CA ILE B 11 -9.03 7.89 -32.63
C ILE B 11 -9.75 7.58 -33.95
N GLU B 12 -9.21 8.07 -35.06
CA GLU B 12 -9.74 7.91 -36.44
C GLU B 12 -8.55 7.90 -37.38
N GLY B 13 -8.72 7.37 -38.58
CA GLY B 13 -7.60 7.01 -39.46
C GLY B 13 -7.12 5.63 -39.10
N ASP B 14 -6.06 5.15 -39.71
CA ASP B 14 -5.70 3.71 -39.58
C ASP B 14 -4.37 3.62 -38.83
N PHE B 15 -4.02 4.62 -38.01
CA PHE B 15 -2.84 4.51 -37.10
C PHE B 15 -3.22 3.62 -35.91
N ARG B 16 -2.49 2.53 -35.74
CA ARG B 16 -2.88 1.47 -34.76
C ARG B 16 -1.70 1.21 -33.82
N GLY B 17 -0.67 2.05 -33.85
CA GLY B 17 0.38 2.04 -32.81
C GLY B 17 1.68 1.46 -33.31
N TYR B 18 2.78 1.94 -32.72
CA TYR B 18 4.15 1.38 -32.91
C TYR B 18 4.11 -0.11 -32.59
N GLY B 19 4.75 -0.91 -33.42
CA GLY B 19 4.88 -2.37 -33.20
C GLY B 19 3.61 -3.13 -33.51
N SER B 20 2.62 -2.52 -34.14
CA SER B 20 1.35 -3.21 -34.52
C SER B 20 1.62 -4.20 -35.65
N LEU B 21 0.90 -5.32 -35.63
CA LEU B 21 1.02 -6.38 -36.65
C LEU B 21 -0.36 -6.56 -37.27
N ASP B 22 -1.20 -7.49 -36.79
CA ASP B 22 -2.58 -7.61 -37.33
C ASP B 22 -3.39 -6.38 -36.94
N LYS B 23 -4.26 -5.94 -37.85
CA LYS B 23 -5.32 -4.94 -37.59
C LYS B 23 -6.38 -5.60 -36.70
N SER B 24 -6.94 -4.83 -35.79
CA SER B 24 -8.11 -5.24 -34.99
C SER B 24 -9.25 -5.52 -35.96
N PRO B 25 -10.10 -6.52 -35.70
CA PRO B 25 -11.27 -6.74 -36.54
C PRO B 25 -12.29 -5.62 -36.41
N PRO B 26 -13.30 -5.56 -37.31
CA PRO B 26 -14.34 -4.54 -37.24
C PRO B 26 -15.05 -4.47 -35.89
N GLY B 27 -15.41 -3.25 -35.46
CA GLY B 27 -16.06 -3.01 -34.16
C GLY B 27 -15.08 -2.54 -33.07
N ALA B 28 -13.79 -2.87 -33.18
CA ALA B 28 -12.81 -2.63 -32.10
C ALA B 28 -12.61 -1.11 -31.89
N LEU B 29 -12.46 -0.35 -32.97
CA LEU B 29 -12.22 1.12 -32.86
C LEU B 29 -13.40 1.79 -32.16
N GLU B 30 -14.62 1.49 -32.58
CA GLU B 30 -15.82 2.06 -31.92
C GLU B 30 -15.71 1.79 -30.41
N THR B 31 -15.46 0.54 -30.02
CA THR B 31 -15.37 0.10 -28.60
C THR B 31 -14.25 0.88 -27.90
N LEU B 32 -13.10 1.00 -28.56
CA LEU B 32 -11.94 1.68 -27.98
C LEU B 32 -12.33 3.14 -27.65
N ASN B 33 -12.95 3.85 -28.60
CA ASN B 33 -13.34 5.28 -28.46
C ASN B 33 -14.33 5.41 -27.30
N ARG B 34 -15.33 4.54 -27.23
CA ARG B 34 -16.31 4.61 -26.14
C ARG B 34 -15.60 4.47 -24.77
N LEU B 35 -14.76 3.46 -24.60
CA LEU B 35 -14.14 3.11 -23.29
C LEU B 35 -13.07 4.16 -22.92
N MET B 36 -12.33 4.67 -23.89
CA MET B 36 -11.27 5.67 -23.63
C MET B 36 -11.95 6.94 -23.09
N GLN B 37 -13.10 7.28 -23.63
CA GLN B 37 -13.88 8.49 -23.25
C GLN B 37 -14.48 8.27 -21.85
N ASN B 38 -15.14 7.13 -21.61
CA ASN B 38 -15.69 6.79 -20.27
C ASN B 38 -14.56 6.95 -19.23
N ASN B 39 -13.40 6.33 -19.46
CA ASN B 39 -12.26 6.32 -18.51
C ASN B 39 -11.81 7.76 -18.30
N HIS B 40 -11.74 8.54 -19.39
CA HIS B 40 -11.29 9.95 -19.34
C HIS B 40 -12.17 10.80 -18.41
N ASP B 41 -13.50 10.62 -18.53
CA ASP B 41 -14.56 11.45 -17.91
C ASP B 41 -14.84 11.00 -16.49
N GLU B 42 -14.85 9.68 -16.26
CA GLU B 42 -15.42 9.10 -15.02
C GLU B 42 -14.34 8.95 -13.92
N PHE B 43 -13.09 8.67 -14.28
CA PHE B 43 -12.13 8.02 -13.35
C PHE B 43 -10.89 8.90 -13.10
N ASP B 44 -10.42 8.83 -11.86
CA ASP B 44 -9.23 9.60 -11.43
C ASP B 44 -7.99 8.94 -12.04
N MET B 45 -6.85 9.61 -11.95
CA MET B 45 -5.55 9.04 -12.36
C MET B 45 -5.00 8.14 -11.24
N PHE B 46 -5.42 8.34 -10.00
CA PHE B 46 -4.80 7.74 -8.79
C PHE B 46 -5.90 7.12 -7.91
N TRP B 47 -5.79 5.82 -7.69
CA TRP B 47 -6.82 5.08 -6.93
C TRP B 47 -6.31 4.64 -5.55
N ARG B 48 -5.03 4.86 -5.24
CA ARG B 48 -4.49 4.68 -3.86
C ARG B 48 -3.18 5.44 -3.76
N PRO B 49 -2.66 5.72 -2.54
CA PRO B 49 -1.53 6.64 -2.38
C PRO B 49 -0.20 6.16 -2.98
N ASP B 50 0.01 4.84 -3.00
CA ASP B 50 1.26 4.21 -3.50
C ASP B 50 0.89 3.14 -4.52
N ALA B 51 1.59 3.15 -5.66
CA ALA B 51 1.41 2.22 -6.79
C ALA B 51 -0.07 2.21 -7.24
N GLY B 52 -0.70 3.38 -7.29
CA GLY B 52 -2.15 3.48 -7.60
C GLY B 52 -2.40 4.24 -8.88
N HIS B 53 -1.58 4.04 -9.91
CA HIS B 53 -1.78 4.66 -11.25
C HIS B 53 -2.89 3.92 -11.99
N ASN B 54 -3.81 4.67 -12.60
CA ASN B 54 -4.89 4.09 -13.42
C ASN B 54 -4.30 3.63 -14.75
N HIS B 55 -4.27 2.32 -14.99
CA HIS B 55 -3.72 1.73 -16.23
C HIS B 55 -4.75 1.55 -17.35
N THR B 56 -5.99 2.01 -17.15
CA THR B 56 -7.10 1.75 -18.09
C THR B 56 -6.71 2.15 -19.52
N ALA B 57 -6.31 3.40 -19.74
CA ALA B 57 -5.97 3.92 -21.09
C ALA B 57 -4.84 3.09 -21.72
N HIS B 58 -3.84 2.69 -20.91
CA HIS B 58 -2.69 1.89 -21.37
C HIS B 58 -3.18 0.52 -21.87
N SER B 59 -3.98 -0.15 -21.05
CA SER B 59 -4.47 -1.51 -21.36
C SER B 59 -5.30 -1.45 -22.65
N LEU B 60 -6.19 -0.47 -22.75
CA LEU B 60 -7.04 -0.29 -23.96
C LEU B 60 -6.17 -0.08 -25.19
N LEU B 61 -5.28 0.93 -25.17
CA LEU B 61 -4.49 1.28 -26.38
C LEU B 61 -3.54 0.15 -26.76
N SER B 62 -2.92 -0.54 -25.79
CA SER B 62 -1.97 -1.64 -26.07
C SER B 62 -2.71 -2.84 -26.68
N VAL B 63 -3.89 -3.17 -26.19
CA VAL B 63 -4.69 -4.30 -26.72
C VAL B 63 -5.11 -3.98 -28.16
N TYR B 64 -5.58 -2.76 -28.42
CA TYR B 64 -5.85 -2.24 -29.77
C TYR B 64 -4.63 -2.37 -30.69
N ALA B 65 -3.46 -1.96 -30.21
CA ALA B 65 -2.20 -2.03 -31.00
C ALA B 65 -1.85 -3.49 -31.29
N LEU B 66 -2.16 -4.42 -30.36
CA LEU B 66 -1.90 -5.85 -30.58
C LEU B 66 -3.00 -6.51 -31.44
N GLY B 67 -4.00 -5.75 -31.91
CA GLY B 67 -5.02 -6.27 -32.84
C GLY B 67 -6.18 -6.94 -32.12
N GLY B 68 -6.48 -6.50 -30.90
CA GLY B 68 -7.57 -7.03 -30.07
C GLY B 68 -8.92 -6.65 -30.64
N SER B 69 -9.93 -7.49 -30.38
CA SER B 69 -11.31 -7.25 -30.87
C SER B 69 -12.03 -6.39 -29.84
N SER B 70 -13.23 -5.92 -30.14
CA SER B 70 -14.14 -5.34 -29.10
C SER B 70 -14.09 -6.11 -27.78
N ALA B 71 -14.25 -7.43 -27.80
CA ALA B 71 -14.41 -8.23 -26.56
C ALA B 71 -13.09 -8.19 -25.77
N ASP B 72 -11.95 -8.14 -26.45
CA ASP B 72 -10.59 -8.07 -25.81
C ASP B 72 -10.43 -6.70 -25.10
N LEU B 73 -10.91 -5.64 -25.73
CA LEU B 73 -10.92 -4.26 -25.15
C LEU B 73 -11.86 -4.24 -23.96
N GLU B 74 -13.04 -4.88 -24.07
CA GLU B 74 -13.98 -4.96 -22.94
C GLU B 74 -13.29 -5.71 -21.79
N ARG B 75 -12.61 -6.83 -22.06
CA ARG B 75 -11.86 -7.56 -21.02
C ARG B 75 -10.84 -6.64 -20.38
N ALA B 76 -10.02 -5.96 -21.16
CA ALA B 76 -8.97 -5.04 -20.66
C ALA B 76 -9.59 -4.02 -19.70
N TYR B 77 -10.73 -3.44 -20.06
CA TYR B 77 -11.46 -2.42 -19.26
C TYR B 77 -11.92 -3.06 -17.93
N ARG B 78 -12.54 -4.25 -18.01
CA ARG B 78 -13.08 -4.94 -16.79
C ARG B 78 -11.92 -5.34 -15.85
N ASP B 79 -10.83 -5.87 -16.41
CA ASP B 79 -9.64 -6.29 -15.63
C ASP B 79 -9.09 -5.09 -14.85
N ASP B 80 -9.35 -3.85 -15.28
CA ASP B 80 -8.80 -2.63 -14.64
C ASP B 80 -9.90 -1.94 -13.83
N ASP B 81 -11.00 -2.64 -13.55
CA ASP B 81 -12.03 -2.16 -12.58
C ASP B 81 -11.37 -1.66 -11.27
N PRO B 82 -10.40 -2.38 -10.65
CA PRO B 82 -9.78 -1.90 -9.42
C PRO B 82 -9.03 -0.56 -9.58
N HIS B 83 -8.62 -0.19 -10.80
CA HIS B 83 -7.86 1.05 -11.08
C HIS B 83 -8.80 2.25 -11.25
N GLN B 84 -10.11 2.00 -11.24
CA GLN B 84 -11.16 2.96 -11.68
C GLN B 84 -11.93 3.46 -10.45
N VAL B 85 -11.66 4.68 -10.04
CA VAL B 85 -12.42 5.31 -8.92
C VAL B 85 -12.89 6.69 -9.38
N PRO B 86 -13.98 7.24 -8.81
CA PRO B 86 -14.51 8.55 -9.25
C PRO B 86 -13.45 9.64 -9.27
N ILE B 87 -13.41 10.39 -10.38
CA ILE B 87 -12.49 11.53 -10.60
C ILE B 87 -12.82 12.63 -9.58
N GLY B 88 -11.81 13.25 -8.99
CA GLY B 88 -12.03 14.34 -8.01
C GLY B 88 -12.78 15.51 -8.62
N ALA B 89 -13.63 16.12 -7.83
CA ALA B 89 -14.32 17.40 -8.17
C ALA B 89 -13.27 18.41 -8.64
N VAL B 90 -13.60 19.20 -9.66
CA VAL B 90 -12.72 20.30 -10.13
C VAL B 90 -13.03 21.56 -9.30
N ASP B 91 -12.04 22.22 -8.73
CA ASP B 91 -12.17 23.59 -8.16
C ASP B 91 -11.79 24.60 -9.26
N HIS B 92 -12.79 25.30 -9.82
CA HIS B 92 -12.61 26.16 -11.02
C HIS B 92 -11.79 27.40 -10.67
N SER B 93 -11.78 27.83 -9.41
CA SER B 93 -10.94 29.00 -9.00
C SER B 93 -9.49 28.54 -8.84
N VAL B 94 -9.24 27.28 -8.39
CA VAL B 94 -7.88 26.69 -8.50
C VAL B 94 -7.43 26.69 -9.97
N VAL B 95 -8.25 26.17 -10.89
CA VAL B 95 -7.92 26.09 -12.34
C VAL B 95 -7.55 27.49 -12.88
N ALA B 96 -8.32 28.53 -12.54
CA ALA B 96 -8.01 29.92 -12.97
C ALA B 96 -6.64 30.31 -12.42
N SER B 97 -6.37 29.99 -11.15
CA SER B 97 -5.16 30.44 -10.43
C SER B 97 -3.90 29.78 -11.00
N LEU B 98 -4.03 28.63 -11.68
CA LEU B 98 -2.86 27.83 -12.17
C LEU B 98 -2.14 28.57 -13.32
N LYS B 99 -2.78 29.61 -13.89
CA LYS B 99 -2.17 30.54 -14.91
C LYS B 99 -0.89 31.14 -14.34
N ASP B 100 -0.84 31.36 -13.02
CA ASP B 100 0.32 31.93 -12.30
C ASP B 100 1.37 30.85 -12.10
N PRO B 101 2.57 30.97 -12.73
CA PRO B 101 3.55 29.88 -12.68
C PRO B 101 3.96 29.53 -11.24
N ARG B 102 3.87 30.49 -10.31
CA ARG B 102 4.34 30.28 -8.91
C ARG B 102 3.28 29.43 -8.19
N ILE B 103 2.00 29.67 -8.40
CA ILE B 103 0.89 28.82 -7.86
C ILE B 103 0.92 27.44 -8.54
N PHE B 104 1.18 27.39 -9.87
CA PHE B 104 1.30 26.13 -10.64
C PHE B 104 2.31 25.22 -9.91
N ILE B 105 3.49 25.77 -9.65
CA ILE B 105 4.62 25.03 -9.01
C ILE B 105 4.20 24.62 -7.59
N HIS B 106 3.66 25.58 -6.84
CA HIS B 106 3.30 25.41 -5.41
C HIS B 106 2.34 24.22 -5.24
N ARG B 107 1.44 24.00 -6.19
CA ARG B 107 0.38 22.97 -6.08
C ARG B 107 0.84 21.62 -6.62
N MET B 108 2.02 21.50 -7.21
CA MET B 108 2.53 20.22 -7.79
C MET B 108 2.73 19.17 -6.69
N GLN B 109 2.77 17.89 -7.07
CA GLN B 109 3.23 16.75 -6.22
C GLN B 109 2.16 16.46 -5.18
N ARG B 110 0.91 16.86 -5.43
CA ARG B 110 -0.26 16.49 -4.61
C ARG B 110 -1.27 15.74 -5.48
N LEU B 111 -1.37 14.43 -5.29
CA LEU B 111 -2.24 13.51 -6.05
C LEU B 111 -3.66 14.09 -6.24
N ASP B 112 -4.20 14.76 -5.23
CA ASP B 112 -5.62 15.18 -5.21
C ASP B 112 -5.85 16.33 -6.22
N GLN B 113 -4.79 16.86 -6.81
CA GLN B 113 -4.89 17.97 -7.79
C GLN B 113 -5.03 17.42 -9.22
N TYR B 114 -5.09 16.11 -9.45
CA TYR B 114 -5.13 15.58 -10.84
C TYR B 114 -6.25 16.28 -11.64
N SER B 115 -7.48 16.26 -11.15
CA SER B 115 -8.64 16.78 -11.91
C SER B 115 -8.50 18.29 -12.16
N ASN B 116 -7.90 19.06 -11.22
CA ASN B 116 -7.68 20.52 -11.41
C ASN B 116 -6.62 20.73 -12.49
N TYR B 117 -5.51 19.98 -12.47
CA TYR B 117 -4.49 20.08 -13.56
C TYR B 117 -5.09 19.58 -14.88
N LEU B 118 -5.98 18.59 -14.86
CA LEU B 118 -6.53 18.06 -16.14
C LEU B 118 -7.36 19.17 -16.82
N ARG B 119 -8.28 19.79 -16.09
CA ARG B 119 -9.09 20.91 -16.64
C ARG B 119 -8.17 22.04 -17.13
N PHE B 120 -7.20 22.43 -16.31
CA PHE B 120 -6.22 23.47 -16.67
C PHE B 120 -5.59 23.12 -18.03
N PHE B 121 -5.06 21.89 -18.19
CA PHE B 121 -4.31 21.52 -19.41
C PHE B 121 -5.26 21.38 -20.61
N GLU B 122 -6.47 20.92 -20.38
CA GLU B 122 -7.49 20.84 -21.45
C GLU B 122 -7.81 22.26 -21.95
N GLU B 123 -7.93 23.25 -21.05
CA GLU B 123 -8.16 24.67 -21.44
C GLU B 123 -6.96 25.18 -22.24
N ARG B 124 -5.73 24.98 -21.75
CA ARG B 124 -4.49 25.47 -22.42
C ARG B 124 -4.40 24.80 -23.78
N ILE B 125 -4.68 23.51 -23.84
CA ILE B 125 -4.53 22.76 -25.11
C ILE B 125 -5.63 23.24 -26.06
N GLU B 126 -6.83 23.56 -25.57
CA GLU B 126 -7.88 24.12 -26.45
C GLU B 126 -7.37 25.43 -27.09
N ALA B 127 -6.65 26.28 -26.36
CA ALA B 127 -6.19 27.62 -26.80
C ALA B 127 -4.98 27.51 -27.74
N ARG B 128 -4.01 26.65 -27.45
CA ARG B 128 -2.76 26.48 -28.24
C ARG B 128 -2.79 25.05 -28.77
N GLY B 129 -1.85 24.54 -29.56
CA GLY B 129 -2.02 23.08 -29.83
C GLY B 129 -1.64 22.23 -28.61
N TRP B 130 -1.79 20.91 -28.65
CA TRP B 130 -1.21 20.05 -27.58
C TRP B 130 0.31 20.12 -27.65
N LYS B 131 0.87 20.26 -28.85
CA LYS B 131 2.36 20.34 -29.05
C LYS B 131 2.93 21.56 -28.30
N ALA B 132 2.30 22.72 -28.42
CA ALA B 132 2.82 24.00 -27.86
C ALA B 132 2.82 23.87 -26.34
N VAL B 133 1.74 23.29 -25.80
CA VAL B 133 1.55 23.13 -24.33
C VAL B 133 2.60 22.16 -23.78
N VAL B 134 2.88 21.07 -24.50
CA VAL B 134 3.91 20.08 -24.08
C VAL B 134 5.27 20.78 -24.03
N VAL B 135 5.62 21.55 -25.06
CA VAL B 135 6.92 22.29 -25.07
C VAL B 135 6.87 23.28 -23.87
N GLU B 136 5.79 24.03 -23.71
CA GLU B 136 5.78 25.07 -22.66
C GLU B 136 6.05 24.41 -21.29
N TYR B 137 5.45 23.24 -21.02
CA TYR B 137 5.35 22.69 -19.63
C TYR B 137 6.38 21.60 -19.36
N LEU B 138 7.12 21.10 -20.37
CA LEU B 138 8.19 20.12 -20.15
C LEU B 138 9.57 20.56 -20.67
N PHE B 139 9.68 21.31 -21.76
CA PHE B 139 10.97 21.54 -22.46
C PHE B 139 11.34 23.04 -22.56
N SER B 140 10.58 23.97 -22.00
CA SER B 140 10.88 25.44 -22.09
C SER B 140 11.91 25.93 -21.04
N ARG B 141 12.43 25.05 -20.16
CA ARG B 141 13.53 25.37 -19.20
C ARG B 141 13.06 26.37 -18.11
N SER B 142 11.78 26.75 -18.07
CA SER B 142 11.21 27.52 -16.92
C SER B 142 11.36 26.70 -15.64
N ASP B 143 11.15 27.31 -14.47
CA ASP B 143 11.19 26.60 -13.17
C ASP B 143 10.14 25.48 -13.20
N ALA B 144 8.97 25.78 -13.75
CA ALA B 144 7.81 24.87 -13.85
C ALA B 144 8.18 23.66 -14.71
N ALA B 145 8.81 23.91 -15.86
CA ALA B 145 9.04 22.87 -16.89
C ALA B 145 10.16 21.93 -16.40
N GLU B 146 11.18 22.46 -15.72
CA GLU B 146 12.29 21.66 -15.14
C GLU B 146 11.74 20.73 -14.05
N ALA B 147 10.85 21.22 -13.19
CA ALA B 147 10.15 20.40 -12.17
C ALA B 147 9.32 19.35 -12.93
N MET B 148 8.57 19.77 -13.96
CA MET B 148 7.69 18.85 -14.69
C MET B 148 8.52 17.74 -15.33
N LEU B 149 9.71 18.06 -15.80
CA LEU B 149 10.56 17.09 -16.52
C LEU B 149 11.03 15.97 -15.58
N GLY B 150 11.39 16.33 -14.35
CA GLY B 150 11.71 15.34 -13.30
C GLY B 150 10.49 14.50 -12.97
N GLN B 151 9.35 15.15 -12.74
CA GLN B 151 8.04 14.50 -12.45
C GLN B 151 7.71 13.48 -13.55
N LEU B 152 8.16 13.70 -14.79
CA LEU B 152 7.72 12.86 -15.93
C LEU B 152 8.14 11.40 -15.69
N PHE B 153 9.23 11.19 -14.93
CA PHE B 153 9.81 9.83 -14.73
C PHE B 153 9.30 9.18 -13.45
N GLU B 154 8.41 9.87 -12.70
CA GLU B 154 7.99 9.44 -11.34
C GLU B 154 7.29 8.08 -11.38
N GLY B 155 7.32 7.39 -10.24
CA GLY B 155 6.48 6.20 -10.00
C GLY B 155 6.75 5.09 -11.00
N ALA B 156 8.01 4.91 -11.38
CA ALA B 156 8.48 3.94 -12.39
C ALA B 156 7.81 4.24 -13.76
N TYR B 157 7.72 5.54 -14.12
CA TYR B 157 7.60 6.05 -15.50
C TYR B 157 6.13 6.15 -15.92
N HIS B 158 5.19 6.09 -14.98
CA HIS B 158 3.75 6.17 -15.30
C HIS B 158 3.38 7.51 -15.96
N PRO B 159 3.82 8.71 -15.53
CA PRO B 159 3.46 9.94 -16.26
C PRO B 159 3.95 9.92 -17.71
N LEU B 160 5.20 9.52 -17.87
CA LEU B 160 5.87 9.33 -19.18
C LEU B 160 5.02 8.38 -20.03
N ILE B 161 4.55 7.31 -19.44
CA ILE B 161 3.73 6.32 -20.20
C ILE B 161 2.42 7.01 -20.62
N GLN B 162 1.78 7.71 -19.71
CA GLN B 162 0.46 8.36 -19.99
C GLN B 162 0.60 9.42 -21.10
N LEU B 163 1.60 10.27 -21.00
CA LEU B 163 1.85 11.32 -22.02
C LEU B 163 2.28 10.63 -23.32
N GLY B 164 3.12 9.60 -23.21
CA GLY B 164 3.57 8.76 -24.33
C GLY B 164 2.43 8.34 -25.22
N PHE B 165 1.39 7.74 -24.64
CA PHE B 165 0.23 7.22 -25.41
C PHE B 165 -0.44 8.43 -26.08
N GLY B 166 -0.60 9.52 -25.32
CA GLY B 166 -1.27 10.73 -25.78
C GLY B 166 -0.59 11.25 -27.03
N ILE B 167 0.74 11.29 -26.99
CA ILE B 167 1.59 11.77 -28.12
C ILE B 167 1.57 10.73 -29.24
N GLU B 168 1.64 9.45 -28.89
CA GLU B 168 1.69 8.36 -29.90
C GLU B 168 0.45 8.44 -30.81
N PHE B 169 -0.75 8.62 -30.24
CA PHE B 169 -2.03 8.56 -30.98
C PHE B 169 -2.48 9.99 -31.32
N GLU B 170 -1.65 10.98 -30.97
CA GLU B 170 -1.98 12.43 -31.13
C GLU B 170 -3.41 12.69 -30.65
N LEU B 171 -3.69 12.32 -29.41
CA LEU B 171 -4.99 12.51 -28.72
C LEU B 171 -4.86 13.64 -27.70
N PRO B 172 -5.28 14.86 -28.06
CA PRO B 172 -5.13 16.02 -27.20
C PRO B 172 -5.56 15.77 -25.76
N GLY B 173 -6.70 15.15 -25.55
CA GLY B 173 -7.25 14.93 -24.22
C GLY B 173 -6.36 14.01 -23.41
N LEU B 174 -5.73 13.02 -24.05
CA LEU B 174 -4.86 12.03 -23.39
C LEU B 174 -3.51 12.70 -23.09
N VAL B 175 -3.06 13.62 -23.97
CA VAL B 175 -1.88 14.45 -23.65
C VAL B 175 -2.24 15.25 -22.39
N ALA B 176 -3.45 15.78 -22.28
CA ALA B 176 -3.87 16.50 -21.05
C ALA B 176 -3.78 15.56 -19.82
N GLU B 177 -4.27 14.32 -19.95
CA GLU B 177 -4.15 13.30 -18.88
C GLU B 177 -2.68 13.18 -18.48
N GLY B 178 -1.78 13.11 -19.46
CA GLY B 178 -0.35 12.88 -19.15
C GLY B 178 0.24 14.06 -18.40
N LEU B 179 -0.10 15.27 -18.80
CA LEU B 179 0.48 16.49 -18.19
C LEU B 179 -0.06 16.60 -16.78
N ALA B 180 -1.35 16.33 -16.59
CA ALA B 180 -1.98 16.46 -15.28
C ALA B 180 -1.39 15.40 -14.33
N HIS B 181 -1.13 14.20 -14.83
CA HIS B 181 -0.51 13.10 -14.05
C HIS B 181 0.88 13.59 -13.58
N CYS B 182 1.61 14.15 -14.53
CA CYS B 182 3.00 14.57 -14.34
C CYS B 182 2.99 15.63 -13.22
N ALA B 183 2.07 16.60 -13.27
CA ALA B 183 2.02 17.72 -12.32
C ALA B 183 1.72 17.21 -10.90
N ALA B 184 0.74 16.29 -10.79
CA ALA B 184 0.11 15.92 -9.52
C ALA B 184 0.91 14.80 -8.85
N HIS B 185 1.76 14.07 -9.56
CA HIS B 185 2.41 12.83 -9.01
C HIS B 185 3.21 13.17 -7.74
N ASP B 186 3.02 12.42 -6.66
CA ASP B 186 3.76 12.59 -5.36
C ASP B 186 5.25 12.42 -5.69
N ALA B 187 6.13 13.09 -4.94
CA ALA B 187 7.60 13.13 -5.21
C ALA B 187 8.39 12.00 -4.48
N ALA B 188 9.32 11.34 -5.15
CA ALA B 188 10.25 10.33 -4.60
C ALA B 188 11.65 10.96 -4.39
N ASN B 189 11.74 12.29 -4.45
CA ASN B 189 13.02 13.00 -4.23
C ASN B 189 13.99 12.54 -5.32
N ILE B 190 13.47 12.39 -6.55
CA ILE B 190 14.31 12.04 -7.73
C ILE B 190 14.78 13.33 -8.45
N ILE B 191 14.07 14.45 -8.29
CA ILE B 191 14.45 15.70 -9.01
C ILE B 191 15.90 16.06 -8.67
N PRO B 192 16.31 16.12 -7.37
CA PRO B 192 17.70 16.45 -7.04
C PRO B 192 18.68 15.39 -7.55
N PHE B 193 18.27 14.12 -7.63
CA PHE B 193 19.09 13.08 -8.32
C PHE B 193 19.34 13.54 -9.76
N PHE B 194 18.30 13.90 -10.52
CA PHE B 194 18.46 14.28 -11.94
C PHE B 194 19.39 15.51 -12.07
N GLN B 195 19.17 16.52 -11.22
CA GLN B 195 19.91 17.80 -11.22
C GLN B 195 21.37 17.49 -10.90
N LYS B 196 21.65 16.69 -9.86
CA LYS B 196 23.05 16.41 -9.45
C LYS B 196 23.72 15.61 -10.55
N ALA B 197 23.07 14.58 -11.11
CA ALA B 197 23.65 13.75 -12.19
C ALA B 197 23.98 14.63 -13.41
N GLU B 198 23.04 15.50 -13.81
CA GLU B 198 23.23 16.29 -15.05
C GLU B 198 24.38 17.30 -14.86
N LYS B 199 24.45 17.96 -13.71
CA LYS B 199 25.49 18.97 -13.38
C LYS B 199 26.86 18.33 -13.57
N LEU B 200 27.07 17.16 -12.92
CA LEU B 200 28.36 16.39 -12.99
C LEU B 200 28.61 16.05 -14.45
N ALA B 201 27.59 15.56 -15.17
CA ALA B 201 27.69 15.14 -16.59
C ALA B 201 28.17 16.32 -17.44
N LYS B 202 27.63 17.52 -17.23
CA LYS B 202 27.95 18.73 -18.04
C LYS B 202 29.20 19.48 -17.51
N SER B 203 29.79 19.06 -16.39
CA SER B 203 30.92 19.77 -15.74
C SER B 203 32.21 19.59 -16.54
N GLY B 204 32.36 18.48 -17.26
CA GLY B 204 33.62 18.04 -17.91
C GLY B 204 34.51 17.24 -16.97
N SER B 205 34.14 17.07 -15.69
CA SER B 205 34.94 16.30 -14.69
C SER B 205 34.65 14.79 -14.75
N VAL B 206 33.64 14.32 -15.50
CA VAL B 206 33.21 12.89 -15.47
C VAL B 206 33.30 12.28 -16.87
N ALA B 207 34.15 11.25 -17.05
CA ALA B 207 34.31 10.58 -18.35
C ALA B 207 33.11 9.63 -18.54
N PRO B 208 32.53 9.56 -19.75
CA PRO B 208 31.38 8.71 -20.00
C PRO B 208 31.81 7.24 -19.87
N ALA B 209 30.86 6.36 -19.56
CA ALA B 209 31.06 4.90 -19.53
C ALA B 209 29.79 4.23 -20.07
N PRO B 210 29.91 3.06 -20.72
CA PRO B 210 28.74 2.33 -21.20
C PRO B 210 27.74 2.03 -20.06
N LEU B 211 26.44 2.11 -20.32
CA LEU B 211 25.37 1.91 -19.30
C LEU B 211 25.56 0.55 -18.56
N VAL B 212 25.90 -0.51 -19.30
CA VAL B 212 26.11 -1.89 -18.82
C VAL B 212 27.10 -1.88 -17.64
N GLU B 213 28.10 -0.99 -17.66
CA GLU B 213 29.13 -0.87 -16.60
C GLU B 213 28.55 -0.13 -15.40
N LEU B 214 27.57 0.74 -15.64
CA LEU B 214 26.95 1.55 -14.57
C LEU B 214 25.98 0.67 -13.76
N TYR B 215 25.30 -0.27 -14.42
CA TYR B 215 24.55 -1.34 -13.71
C TYR B 215 25.55 -2.05 -12.77
N LYS B 216 26.74 -2.41 -13.28
CA LYS B 216 27.75 -3.19 -12.51
C LYS B 216 28.22 -2.35 -11.31
N GLU B 217 28.51 -1.06 -11.52
CA GLU B 217 28.98 -0.16 -10.45
C GLU B 217 27.92 -0.09 -9.35
N VAL B 218 26.64 0.02 -9.72
CA VAL B 218 25.53 0.07 -8.73
C VAL B 218 25.59 -1.19 -7.89
N ARG B 219 25.70 -2.37 -8.51
CA ARG B 219 25.74 -3.65 -7.77
C ARG B 219 26.99 -3.72 -6.87
N ASP B 220 28.15 -3.33 -7.41
CA ASP B 220 29.47 -3.52 -6.74
C ASP B 220 29.65 -2.47 -5.64
N THR B 221 28.83 -1.42 -5.63
CA THR B 221 28.87 -0.33 -4.63
C THR B 221 27.85 -0.64 -3.53
N GLU B 222 28.35 -1.17 -2.42
CA GLU B 222 27.52 -1.70 -1.31
C GLU B 222 26.58 -0.61 -0.79
N LYS B 223 27.08 0.60 -0.59
CA LYS B 223 26.30 1.73 -0.05
C LYS B 223 25.04 1.89 -0.94
N ILE B 224 25.20 1.74 -2.25
CA ILE B 224 24.08 1.94 -3.22
C ILE B 224 23.20 0.68 -3.27
N ARG B 225 23.80 -0.48 -3.47
CA ARG B 225 23.06 -1.76 -3.59
C ARG B 225 22.16 -1.93 -2.37
N LEU B 226 22.62 -1.58 -1.18
CA LEU B 226 21.89 -1.92 0.08
C LEU B 226 21.08 -0.74 0.61
N ALA B 227 21.06 0.36 -0.12
CA ALA B 227 20.30 1.56 0.26
C ALA B 227 18.80 1.21 0.41
N ALA B 228 18.20 0.51 -0.57
CA ALA B 228 16.76 0.13 -0.50
C ALA B 228 16.60 -1.10 0.39
N LYS B 229 15.48 -1.19 1.08
CA LYS B 229 15.06 -2.32 1.96
C LYS B 229 13.83 -2.98 1.38
N MET B 230 13.76 -4.30 1.47
CA MET B 230 12.66 -5.07 0.87
C MET B 230 11.34 -4.48 1.34
N THR B 231 11.19 -4.27 2.65
CA THR B 231 9.88 -3.92 3.26
C THR B 231 9.60 -2.42 3.18
N GLN B 232 10.45 -1.63 2.49
CA GLN B 232 10.07 -0.26 2.09
C GLN B 232 9.05 -0.32 0.93
N GLY B 233 8.93 -1.45 0.23
CA GLY B 233 7.90 -1.68 -0.82
C GLY B 233 7.89 -0.53 -1.83
N PRO B 234 6.74 0.18 -1.98
CA PRO B 234 6.61 1.24 -3.00
C PRO B 234 7.41 2.53 -2.71
N VAL B 235 8.07 2.66 -1.55
CA VAL B 235 8.83 3.89 -1.19
C VAL B 235 10.32 3.57 -1.04
N ARG B 236 10.80 2.48 -1.66
CA ARG B 236 12.24 2.11 -1.67
C ARG B 236 13.06 3.23 -2.32
N VAL B 237 12.58 3.86 -3.40
CA VAL B 237 13.35 4.95 -4.10
C VAL B 237 13.44 6.17 -3.16
N ARG B 238 12.30 6.68 -2.72
CA ARG B 238 12.24 7.89 -1.88
C ARG B 238 13.06 7.65 -0.61
N ASP B 239 12.73 6.62 0.19
CA ASP B 239 13.27 6.45 1.57
C ASP B 239 14.60 5.69 1.57
N GLY B 240 14.88 4.89 0.54
CA GLY B 240 16.11 4.11 0.45
C GLY B 240 17.16 4.72 -0.47
N VAL B 241 16.99 4.53 -1.79
CA VAL B 241 18.04 4.88 -2.76
C VAL B 241 18.32 6.39 -2.64
N MET B 242 17.27 7.21 -2.61
CA MET B 242 17.39 8.69 -2.50
C MET B 242 17.65 9.08 -1.04
N GLY B 243 16.98 8.43 -0.10
CA GLY B 243 17.17 8.65 1.35
C GLY B 243 18.63 8.50 1.78
N GLU B 244 19.34 7.47 1.28
CA GLU B 244 20.65 7.02 1.83
C GLU B 244 21.77 7.25 0.81
N ALA B 245 21.50 7.24 -0.50
CA ALA B 245 22.59 7.14 -1.49
C ALA B 245 22.40 8.07 -2.70
N GLN B 246 21.65 9.16 -2.55
CA GLN B 246 21.31 10.07 -3.69
C GLN B 246 22.61 10.57 -4.32
N ASP B 247 23.51 11.15 -3.53
CA ASP B 247 24.78 11.72 -4.08
C ASP B 247 25.56 10.59 -4.76
N ASP B 248 25.63 9.42 -4.15
CA ASP B 248 26.51 8.30 -4.63
C ASP B 248 25.99 7.80 -5.97
N ILE B 249 24.69 7.58 -6.07
CA ILE B 249 24.14 7.03 -7.34
C ILE B 249 24.12 8.15 -8.39
N ALA B 250 23.96 9.42 -7.98
CA ALA B 250 24.01 10.55 -8.95
C ALA B 250 25.38 10.59 -9.63
N ALA B 251 26.46 10.34 -8.90
CA ALA B 251 27.85 10.34 -9.43
C ALA B 251 28.03 9.19 -10.44
N VAL B 252 27.40 8.03 -10.19
CA VAL B 252 27.45 6.88 -11.14
C VAL B 252 26.64 7.27 -12.39
N ALA B 253 25.45 7.82 -12.16
CA ALA B 253 24.51 8.16 -13.25
C ALA B 253 25.15 9.20 -14.19
N ALA B 254 26.00 10.10 -13.66
CA ALA B 254 26.62 11.22 -14.41
C ALA B 254 27.51 10.68 -15.53
N LYS B 255 27.90 9.41 -15.43
CA LYS B 255 28.77 8.72 -16.42
C LYS B 255 27.97 8.30 -17.66
N PHE B 256 26.62 8.36 -17.63
CA PHE B 256 25.79 8.02 -18.81
C PHE B 256 25.61 9.31 -19.59
N GLN B 257 26.29 9.42 -20.74
CA GLN B 257 26.43 10.70 -21.49
C GLN B 257 26.25 10.37 -22.95
N VAL B 258 25.31 11.05 -23.61
CA VAL B 258 24.97 10.76 -25.02
C VAL B 258 25.53 11.88 -25.90
N GLY B 259 26.31 11.49 -26.91
CA GLY B 259 26.91 12.43 -27.90
C GLY B 259 25.83 12.98 -28.82
N PRO B 260 26.13 14.06 -29.60
CA PRO B 260 25.08 14.76 -30.35
C PRO B 260 24.47 13.91 -31.46
N ASP B 261 25.18 12.89 -31.96
CA ASP B 261 24.68 11.97 -33.01
C ASP B 261 24.27 10.62 -32.40
N GLY B 262 24.12 10.52 -31.07
CA GLY B 262 24.01 9.22 -30.38
C GLY B 262 22.58 8.85 -29.96
N LEU B 263 21.57 9.61 -30.38
CA LEU B 263 20.17 9.43 -29.86
C LEU B 263 19.68 7.99 -30.12
N LYS B 264 19.75 7.52 -31.37
CA LYS B 264 19.22 6.18 -31.74
C LYS B 264 19.95 5.10 -30.94
N GLN B 265 21.29 5.15 -30.88
CA GLN B 265 22.10 4.11 -30.19
C GLN B 265 21.82 4.15 -28.68
N ALA B 266 21.57 5.32 -28.09
CA ALA B 266 21.27 5.50 -26.65
C ALA B 266 19.88 4.89 -26.34
N ILE B 267 18.93 4.98 -27.27
CA ILE B 267 17.60 4.30 -27.09
C ILE B 267 17.82 2.79 -27.09
N ILE B 268 18.64 2.25 -28.00
CA ILE B 268 18.90 0.79 -28.06
C ILE B 268 19.65 0.37 -26.79
N GLU B 269 20.62 1.18 -26.35
CA GLU B 269 21.50 0.87 -25.20
C GLU B 269 20.63 0.78 -23.93
N THR B 270 19.84 1.80 -23.64
CA THR B 270 18.94 1.87 -22.46
C THR B 270 17.93 0.72 -22.54
N THR B 271 17.38 0.48 -23.72
CA THR B 271 16.31 -0.53 -23.89
C THR B 271 16.91 -1.93 -23.71
N SER B 272 18.09 -2.14 -24.30
CA SER B 272 18.81 -3.42 -24.24
C SER B 272 19.18 -3.71 -22.77
N CYS B 273 19.65 -2.70 -22.03
CA CYS B 273 20.05 -2.90 -20.61
C CYS B 273 18.81 -3.20 -19.75
N ALA B 274 17.69 -2.50 -19.98
CA ALA B 274 16.41 -2.75 -19.28
C ALA B 274 15.95 -4.20 -19.55
N ALA B 275 16.01 -4.63 -20.80
CA ALA B 275 15.62 -6.00 -21.21
C ALA B 275 16.57 -7.00 -20.54
N TYR B 276 17.87 -6.71 -20.51
CA TYR B 276 18.88 -7.57 -19.83
C TYR B 276 18.51 -7.72 -18.34
N SER B 277 18.11 -6.62 -17.73
CA SER B 277 17.59 -6.58 -16.33
C SER B 277 16.52 -7.66 -16.14
N CYS B 278 15.48 -7.59 -16.97
CA CYS B 278 14.31 -8.49 -16.89
C CYS B 278 14.77 -9.94 -17.08
N GLY B 279 15.49 -10.23 -18.19
CA GLY B 279 15.86 -11.60 -18.57
C GLY B 279 16.97 -12.18 -17.71
N GLY B 280 17.86 -11.33 -17.20
CA GLY B 280 19.16 -11.69 -16.62
C GLY B 280 19.12 -11.91 -15.11
N ALA B 281 18.05 -11.50 -14.43
CA ALA B 281 17.94 -11.54 -12.97
C ALA B 281 17.21 -12.80 -12.52
N GLN B 282 17.59 -13.96 -13.06
CA GLN B 282 16.97 -15.25 -12.69
C GLN B 282 17.85 -15.94 -11.63
N ARG B 283 17.34 -17.01 -11.01
CA ARG B 283 18.04 -17.77 -9.94
C ARG B 283 18.13 -19.24 -10.36
N PRO B 284 19.22 -19.95 -9.97
CA PRO B 284 19.29 -21.39 -10.21
C PRO B 284 18.17 -22.11 -9.45
N GLY B 285 17.57 -23.12 -10.08
CA GLY B 285 16.58 -24.05 -9.50
C GLY B 285 15.19 -23.44 -9.44
N LYS B 286 15.00 -22.24 -10.00
CA LYS B 286 13.72 -21.51 -9.90
C LYS B 286 13.13 -21.30 -11.30
N VAL B 287 11.79 -21.33 -11.41
CA VAL B 287 11.12 -20.95 -12.70
C VAL B 287 11.49 -19.50 -12.99
N ALA B 288 11.50 -19.14 -14.27
CA ALA B 288 11.77 -17.74 -14.70
C ALA B 288 10.68 -16.84 -14.10
N LYS B 289 11.07 -15.67 -13.60
CA LYS B 289 10.13 -14.60 -13.18
C LYS B 289 10.69 -13.26 -13.65
N VAL B 290 9.81 -12.33 -14.03
CA VAL B 290 10.25 -10.98 -14.45
C VAL B 290 9.96 -10.00 -13.31
N ASP B 291 10.97 -9.19 -12.97
CA ASP B 291 10.86 -8.13 -11.93
C ASP B 291 9.84 -7.08 -12.42
N PHE B 292 8.87 -6.75 -11.58
CA PHE B 292 7.80 -5.75 -11.83
C PHE B 292 8.39 -4.40 -12.25
N PHE B 293 9.54 -4.02 -11.68
CA PHE B 293 10.16 -2.69 -11.87
C PHE B 293 10.96 -2.73 -13.16
N PHE B 294 11.70 -3.79 -13.41
CA PHE B 294 12.48 -3.98 -14.64
C PHE B 294 11.50 -4.00 -15.80
N MET B 295 10.33 -4.59 -15.58
CA MET B 295 9.26 -4.61 -16.62
C MET B 295 8.82 -3.14 -16.93
N HIS B 296 8.74 -2.26 -15.93
CA HIS B 296 8.40 -0.83 -16.16
C HIS B 296 9.52 -0.13 -16.93
N MET B 297 10.77 -0.53 -16.71
CA MET B 297 11.93 0.01 -17.47
C MET B 297 11.80 -0.38 -18.94
N VAL B 298 11.37 -1.60 -19.23
CA VAL B 298 11.14 -2.01 -20.63
C VAL B 298 9.88 -1.34 -21.19
N VAL B 299 8.73 -1.36 -20.47
CA VAL B 299 7.49 -0.87 -21.12
C VAL B 299 7.65 0.61 -21.55
N SER B 300 8.33 1.44 -20.77
CA SER B 300 8.51 2.89 -20.98
C SER B 300 9.43 3.15 -22.18
N SER B 301 10.23 2.18 -22.61
CA SER B 301 11.27 2.40 -23.65
C SER B 301 10.62 2.77 -25.00
N ILE B 302 9.43 2.23 -25.31
CA ILE B 302 8.74 2.51 -26.59
C ILE B 302 8.45 4.02 -26.65
N PHE B 303 8.17 4.66 -25.52
CA PHE B 303 7.82 6.10 -25.52
C PHE B 303 9.05 6.98 -25.77
N LEU B 304 10.25 6.52 -25.45
CA LEU B 304 11.48 7.24 -25.84
C LEU B 304 11.56 7.19 -27.38
N SER B 305 11.31 6.02 -27.96
CA SER B 305 11.34 5.81 -29.42
C SER B 305 10.30 6.72 -30.09
N ILE B 306 9.11 6.87 -29.52
CA ILE B 306 8.02 7.70 -30.11
C ILE B 306 8.37 9.20 -29.96
N LEU B 307 8.88 9.60 -28.80
CA LEU B 307 9.24 11.02 -28.56
C LEU B 307 10.39 11.38 -29.49
N ALA B 308 11.28 10.42 -29.76
CA ALA B 308 12.46 10.60 -30.63
C ALA B 308 11.98 10.98 -32.05
N ARG B 309 10.76 10.64 -32.43
CA ARG B 309 10.35 10.84 -33.86
C ARG B 309 9.37 12.00 -33.95
N GLN B 310 9.31 12.84 -32.92
CA GLN B 310 8.42 14.02 -32.92
C GLN B 310 9.19 15.18 -33.58
N ASP B 311 8.65 15.74 -34.66
CA ASP B 311 9.32 16.80 -35.44
C ASP B 311 9.33 18.13 -34.68
N TRP B 312 8.40 18.34 -33.76
CA TRP B 312 8.24 19.61 -33.02
C TRP B 312 9.19 19.70 -31.82
N LEU B 313 10.03 18.68 -31.61
CA LEU B 313 10.86 18.54 -30.38
C LEU B 313 12.31 18.56 -30.83
N GLU B 314 13.17 19.40 -30.24
CA GLU B 314 14.60 19.47 -30.64
C GLU B 314 15.35 18.17 -30.31
N THR B 315 16.30 17.79 -31.16
CA THR B 315 17.16 16.62 -30.92
C THR B 315 17.74 16.69 -29.49
N GLU B 316 18.18 17.87 -29.03
CA GLU B 316 18.88 17.96 -27.72
C GLU B 316 17.87 17.55 -26.63
N ASP B 317 16.58 17.86 -26.78
CA ASP B 317 15.56 17.50 -25.76
C ASP B 317 15.30 15.99 -25.80
N LYS B 318 15.32 15.40 -27.00
CA LYS B 318 15.18 13.92 -27.20
C LYS B 318 16.32 13.24 -26.44
N ILE B 319 17.56 13.69 -26.66
CA ILE B 319 18.75 13.09 -26.02
C ILE B 319 18.62 13.24 -24.52
N ARG B 320 18.20 14.42 -24.05
CA ARG B 320 18.04 14.70 -22.62
C ARG B 320 17.06 13.69 -22.01
N LEU B 321 15.93 13.42 -22.68
CA LEU B 321 14.91 12.44 -22.19
C LEU B 321 15.57 11.07 -22.02
N VAL B 322 16.33 10.63 -23.01
CA VAL B 322 16.96 9.28 -22.97
C VAL B 322 18.02 9.24 -21.86
N GLU B 323 18.78 10.32 -21.68
CA GLU B 323 19.82 10.40 -20.61
C GLU B 323 19.13 10.24 -19.26
N TRP B 324 18.04 10.96 -19.02
CA TRP B 324 17.39 10.98 -17.69
C TRP B 324 16.75 9.62 -17.45
N LYS B 325 16.17 9.02 -18.48
CA LYS B 325 15.54 7.69 -18.35
C LYS B 325 16.64 6.68 -18.00
N GLY B 326 17.74 6.66 -18.74
CA GLY B 326 18.86 5.70 -18.50
C GLY B 326 19.44 5.85 -17.10
N ARG B 327 19.58 7.09 -16.64
CA ARG B 327 20.04 7.37 -15.26
C ARG B 327 19.04 6.84 -14.22
N LEU B 328 17.74 7.08 -14.38
CA LEU B 328 16.75 6.56 -13.39
C LEU B 328 16.61 5.03 -13.48
N ASP B 329 16.87 4.41 -14.64
CA ASP B 329 16.92 2.93 -14.73
C ASP B 329 17.90 2.37 -13.65
N LEU B 330 19.06 3.02 -13.44
CA LEU B 330 20.06 2.66 -12.39
C LEU B 330 19.43 2.71 -11.01
N VAL B 331 18.59 3.72 -10.75
CA VAL B 331 17.88 3.88 -9.45
C VAL B 331 16.90 2.72 -9.25
N TRP B 332 16.12 2.37 -10.27
CA TRP B 332 15.14 1.25 -10.17
C TRP B 332 15.89 -0.09 -10.04
N TYR B 333 17.04 -0.23 -10.68
CA TYR B 333 17.90 -1.43 -10.55
C TYR B 333 18.38 -1.51 -9.08
N ALA B 334 18.86 -0.41 -8.49
CA ALA B 334 19.24 -0.36 -7.06
C ALA B 334 18.07 -0.78 -6.17
N ALA B 335 16.87 -0.26 -6.42
CA ALA B 335 15.68 -0.44 -5.54
C ALA B 335 15.24 -1.91 -5.51
N SER B 336 15.56 -2.67 -6.56
CA SER B 336 15.35 -4.14 -6.63
C SER B 336 16.57 -4.86 -6.01
N SER B 337 17.50 -4.12 -5.42
CA SER B 337 18.69 -4.66 -4.72
C SER B 337 19.71 -5.15 -5.74
N ALA B 338 19.77 -4.51 -6.91
CA ALA B 338 20.83 -4.71 -7.92
C ALA B 338 21.18 -6.20 -8.08
N PRO B 339 20.26 -7.06 -8.54
CA PRO B 339 20.56 -8.49 -8.65
C PRO B 339 21.68 -8.72 -9.68
N ALA B 340 22.43 -9.80 -9.49
CA ALA B 340 23.38 -10.36 -10.48
C ALA B 340 22.62 -10.65 -11.78
N LEU B 341 23.16 -10.15 -12.89
CA LEU B 341 22.62 -10.37 -14.25
C LEU B 341 23.58 -11.31 -14.98
N ASP B 342 23.03 -12.20 -15.78
CA ASP B 342 23.81 -13.16 -16.60
C ASP B 342 23.05 -13.38 -17.91
N ARG B 343 23.73 -13.19 -19.03
CA ARG B 343 23.19 -13.40 -20.39
C ARG B 343 22.76 -14.86 -20.57
N LYS B 344 23.21 -15.79 -19.72
CA LYS B 344 22.92 -17.25 -19.88
C LYS B 344 21.40 -17.49 -19.84
N TRP B 345 20.67 -16.78 -18.99
CA TRP B 345 19.27 -17.17 -18.67
C TRP B 345 18.38 -17.02 -19.92
N LEU B 346 18.49 -15.91 -20.62
CA LEU B 346 17.67 -15.60 -21.82
C LEU B 346 18.14 -16.48 -22.99
N GLU B 347 19.47 -16.66 -23.14
CA GLU B 347 20.07 -17.53 -24.19
C GLU B 347 19.53 -18.94 -24.05
N GLN B 348 19.46 -19.45 -22.83
CA GLN B 348 19.12 -20.87 -22.53
C GLN B 348 17.61 -21.03 -22.29
N TYR B 349 16.84 -19.95 -22.14
CA TYR B 349 15.39 -20.04 -21.81
C TYR B 349 14.68 -20.93 -22.85
N GLN B 350 13.86 -21.86 -22.39
CA GLN B 350 13.00 -22.72 -23.25
C GLN B 350 11.55 -22.31 -23.02
N PRO B 351 10.94 -21.62 -24.01
CA PRO B 351 9.51 -21.27 -23.91
C PRO B 351 8.63 -22.47 -23.60
N THR B 352 7.60 -22.26 -22.77
CA THR B 352 6.65 -23.33 -22.38
C THR B 352 5.28 -23.04 -23.03
N LEU B 353 4.46 -22.23 -22.35
CA LEU B 353 3.12 -21.84 -22.87
C LEU B 353 3.24 -21.20 -24.26
N SER B 354 4.28 -20.41 -24.55
CA SER B 354 4.49 -19.70 -25.85
C SER B 354 5.38 -20.48 -26.85
N ALA B 355 5.76 -21.71 -26.53
CA ALA B 355 6.58 -22.57 -27.41
C ALA B 355 5.97 -22.58 -28.81
N GLY B 356 6.75 -22.22 -29.83
CA GLY B 356 6.35 -22.36 -31.24
C GLY B 356 5.52 -21.16 -31.72
N MET B 357 5.15 -20.22 -30.84
CA MET B 357 4.47 -18.96 -31.27
C MET B 357 5.44 -18.07 -32.03
N ASP B 358 4.95 -17.30 -32.99
CA ASP B 358 5.66 -16.13 -33.58
C ASP B 358 5.06 -14.88 -32.92
N TRP B 359 5.42 -13.68 -33.36
CA TRP B 359 4.87 -12.43 -32.77
C TRP B 359 3.34 -12.39 -32.88
N ARG B 360 2.77 -12.74 -34.03
CA ARG B 360 1.31 -12.63 -34.28
C ARG B 360 0.53 -13.53 -33.32
N ALA B 361 1.01 -14.76 -33.13
CA ALA B 361 0.37 -15.73 -32.21
C ALA B 361 0.57 -15.27 -30.75
N LEU B 362 1.71 -14.67 -30.41
CA LEU B 362 1.92 -14.23 -29.01
C LEU B 362 1.03 -13.01 -28.76
N TYR B 363 0.96 -12.09 -29.72
CA TYR B 363 0.08 -10.89 -29.66
C TYR B 363 -1.35 -11.41 -29.37
N ARG B 364 -1.82 -12.35 -30.19
CA ARG B 364 -3.18 -12.93 -30.04
C ARG B 364 -3.35 -13.46 -28.62
N ALA B 365 -2.47 -14.37 -28.21
CA ALA B 365 -2.52 -14.97 -26.84
C ALA B 365 -2.62 -13.86 -25.78
N VAL B 366 -1.93 -12.72 -25.98
CA VAL B 366 -1.90 -11.58 -25.00
C VAL B 366 -3.26 -10.87 -24.97
N THR B 367 -3.92 -10.71 -26.13
CA THR B 367 -5.20 -9.98 -26.20
C THR B 367 -6.26 -10.65 -25.31
N VAL B 368 -6.21 -11.95 -25.08
CA VAL B 368 -7.28 -12.69 -24.32
C VAL B 368 -6.84 -12.94 -22.88
N GLU B 369 -5.60 -12.59 -22.49
CA GLU B 369 -5.04 -12.94 -21.16
C GLU B 369 -5.50 -11.95 -20.09
N PRO B 370 -6.23 -12.43 -19.04
CA PRO B 370 -6.64 -11.57 -17.94
C PRO B 370 -5.38 -10.89 -17.38
N ASP B 371 -5.42 -9.55 -17.35
CA ASP B 371 -4.20 -8.74 -17.07
C ASP B 371 -4.60 -7.27 -16.92
N ASP B 372 -3.79 -6.52 -16.18
CA ASP B 372 -4.03 -5.07 -15.90
C ASP B 372 -3.44 -4.20 -17.04
N GLY B 373 -2.77 -4.82 -18.00
CA GLY B 373 -2.21 -4.12 -19.18
C GLY B 373 -0.69 -4.26 -19.32
N HIS B 374 0.01 -4.59 -18.25
CA HIS B 374 1.49 -4.69 -18.28
C HIS B 374 1.96 -5.75 -19.27
N LEU B 375 1.26 -6.89 -19.38
CA LEU B 375 1.67 -7.94 -20.35
C LEU B 375 1.66 -7.36 -21.76
N ALA B 376 0.53 -6.81 -22.20
CA ALA B 376 0.42 -6.21 -23.54
C ALA B 376 1.53 -5.15 -23.70
N LYS B 377 1.79 -4.34 -22.67
CA LYS B 377 2.74 -3.20 -22.77
C LYS B 377 4.16 -3.74 -22.94
N ILE B 378 4.55 -4.80 -22.23
CA ILE B 378 5.94 -5.29 -22.32
C ILE B 378 6.13 -5.99 -23.67
N VAL B 379 5.16 -6.77 -24.13
CA VAL B 379 5.37 -7.50 -25.41
C VAL B 379 5.38 -6.47 -26.57
N ARG B 380 4.54 -5.44 -26.55
CA ARG B 380 4.59 -4.38 -27.60
C ARG B 380 5.95 -3.66 -27.55
N SER B 381 6.43 -3.24 -26.37
CA SER B 381 7.77 -2.60 -26.26
C SER B 381 8.86 -3.50 -26.83
N LEU B 382 8.75 -4.80 -26.61
CA LEU B 382 9.82 -5.73 -27.05
C LEU B 382 9.76 -5.94 -28.56
N LYS B 383 8.56 -5.97 -29.15
CA LYS B 383 8.44 -6.04 -30.63
C LYS B 383 9.05 -4.78 -31.25
N TRP B 384 8.68 -3.62 -30.73
CA TRP B 384 9.18 -2.32 -31.22
C TRP B 384 10.71 -2.28 -31.05
N ALA B 385 11.24 -2.69 -29.89
CA ALA B 385 12.70 -2.69 -29.64
C ALA B 385 13.42 -3.48 -30.75
N GLU B 386 12.88 -4.64 -31.12
CA GLU B 386 13.42 -5.48 -32.22
C GLU B 386 13.53 -4.61 -33.49
N GLU B 387 12.53 -3.78 -33.81
CA GLU B 387 12.59 -2.93 -35.03
C GLU B 387 13.63 -1.82 -34.82
N GLU B 388 13.60 -1.13 -33.68
CA GLU B 388 14.54 -0.02 -33.34
C GLU B 388 15.98 -0.49 -33.50
N ALA B 389 16.29 -1.69 -32.98
CA ALA B 389 17.64 -2.29 -32.87
C ALA B 389 17.94 -3.28 -34.02
N LYS B 390 17.11 -3.29 -35.08
CA LYS B 390 17.31 -3.98 -36.39
C LYS B 390 18.79 -3.90 -36.80
N GLY B 391 19.44 -5.06 -37.03
CA GLY B 391 20.82 -5.15 -37.51
C GLY B 391 21.86 -4.95 -36.40
N VAL B 392 21.46 -4.51 -35.20
CA VAL B 392 22.38 -4.47 -34.02
C VAL B 392 22.41 -5.86 -33.39
N GLU B 393 23.63 -6.37 -33.16
CA GLU B 393 23.87 -7.70 -32.53
C GLU B 393 24.34 -7.51 -31.08
N THR B 394 24.38 -8.57 -30.26
CA THR B 394 24.88 -8.49 -28.86
C THR B 394 26.38 -8.18 -28.91
N SER B 395 26.80 -7.35 -27.97
CA SER B 395 28.19 -6.87 -27.83
C SER B 395 28.45 -6.65 -26.33
N GLU B 396 29.64 -6.19 -25.97
CA GLU B 396 29.99 -5.99 -24.53
C GLU B 396 29.06 -4.91 -23.96
N THR B 397 28.58 -3.95 -24.78
CA THR B 397 27.74 -2.81 -24.35
C THR B 397 26.24 -3.02 -24.68
N ILE B 398 25.88 -3.99 -25.55
CA ILE B 398 24.47 -4.32 -25.90
C ILE B 398 24.19 -5.76 -25.47
N PRO B 399 23.72 -5.98 -24.22
CA PRO B 399 23.58 -7.33 -23.69
C PRO B 399 22.40 -8.14 -24.26
N VAL B 400 21.37 -7.48 -24.81
CA VAL B 400 20.18 -8.15 -25.40
C VAL B 400 19.95 -7.54 -26.78
N ALA B 401 19.77 -8.40 -27.78
CA ALA B 401 19.50 -8.01 -29.19
C ALA B 401 19.10 -9.24 -29.98
N GLY B 402 18.75 -9.06 -31.25
CA GLY B 402 18.38 -10.16 -32.16
C GLY B 402 17.19 -10.93 -31.64
N SER B 403 17.36 -12.24 -31.43
CA SER B 403 16.28 -13.18 -31.03
C SER B 403 15.99 -13.04 -29.53
N GLY B 404 16.83 -12.29 -28.81
CA GLY B 404 16.65 -11.94 -27.39
C GLY B 404 15.33 -11.24 -27.09
N TRP B 405 14.91 -10.31 -27.93
CA TRP B 405 13.71 -9.46 -27.70
C TRP B 405 12.47 -10.36 -27.61
N PHE B 406 12.29 -11.28 -28.55
CA PHE B 406 11.09 -12.17 -28.60
C PHE B 406 11.21 -13.16 -27.47
N LYS B 407 12.44 -13.58 -27.17
CA LYS B 407 12.64 -14.58 -26.07
C LYS B 407 12.15 -13.96 -24.77
N LEU B 408 12.45 -12.70 -24.54
CA LEU B 408 12.01 -12.06 -23.27
C LEU B 408 10.48 -11.94 -23.30
N ALA B 409 9.90 -11.60 -24.45
CA ALA B 409 8.42 -11.50 -24.57
C ALA B 409 7.80 -12.87 -24.18
N GLN B 410 8.36 -13.97 -24.68
CA GLN B 410 7.94 -15.35 -24.35
C GLN B 410 8.08 -15.59 -22.85
N MET B 411 9.24 -15.26 -22.27
CA MET B 411 9.45 -15.39 -20.80
C MET B 411 8.36 -14.62 -20.05
N ALA B 412 8.07 -13.36 -20.44
CA ALA B 412 7.08 -12.52 -19.74
C ALA B 412 5.69 -13.19 -19.83
N TYR B 413 5.33 -13.72 -20.99
CA TYR B 413 4.04 -14.45 -21.17
C TYR B 413 4.05 -15.73 -20.31
N ASP B 414 5.06 -16.56 -20.45
CA ASP B 414 5.14 -17.89 -19.77
C ASP B 414 5.07 -17.70 -18.25
N SER B 415 5.74 -16.68 -17.70
CA SER B 415 5.89 -16.49 -16.23
C SER B 415 4.72 -15.74 -15.62
N THR B 416 3.77 -15.23 -16.42
CA THR B 416 2.61 -14.47 -15.89
C THR B 416 1.22 -15.05 -16.29
N ALA B 417 1.07 -15.73 -17.43
CA ALA B 417 -0.21 -16.26 -17.91
C ALA B 417 -0.83 -17.18 -16.87
N HIS B 418 -2.14 -17.12 -16.70
CA HIS B 418 -2.92 -18.07 -15.86
C HIS B 418 -2.61 -17.88 -14.39
N LEU B 419 -2.03 -16.73 -13.99
CA LEU B 419 -1.77 -16.40 -12.57
C LEU B 419 -2.63 -15.20 -12.19
N PRO B 420 -3.11 -15.11 -10.92
CA PRO B 420 -3.67 -13.87 -10.43
C PRO B 420 -2.60 -12.77 -10.50
N ILE B 421 -3.04 -11.54 -10.67
CA ILE B 421 -2.18 -10.31 -10.74
C ILE B 421 -1.01 -10.35 -9.73
N PRO B 422 -1.25 -10.53 -8.41
CA PRO B 422 -0.16 -10.43 -7.42
C PRO B 422 0.98 -11.45 -7.59
N ALA B 423 0.75 -12.54 -8.30
CA ALA B 423 1.74 -13.63 -8.48
C ALA B 423 2.52 -13.40 -9.77
N LYS B 424 2.12 -12.42 -10.59
CA LYS B 424 2.65 -12.35 -11.98
C LYS B 424 4.13 -11.93 -11.98
N TRP B 425 4.48 -10.87 -11.28
CA TRP B 425 5.81 -10.20 -11.39
C TRP B 425 6.51 -10.21 -10.03
N ILE B 426 7.78 -10.54 -9.97
CA ILE B 426 8.49 -10.54 -8.66
C ILE B 426 8.79 -9.08 -8.28
N MET B 427 8.57 -8.72 -7.01
CA MET B 427 8.63 -7.31 -6.55
C MET B 427 10.04 -6.96 -6.01
N GLY B 428 11.10 -7.24 -6.77
CA GLY B 428 12.50 -6.91 -6.43
C GLY B 428 13.34 -8.16 -6.50
N ALA B 429 13.83 -8.49 -7.70
CA ALA B 429 14.54 -9.75 -7.99
C ALA B 429 15.80 -9.89 -7.12
N GLY B 430 16.34 -8.79 -6.60
CA GLY B 430 17.58 -8.86 -5.82
C GLY B 430 17.34 -9.33 -4.40
N TYR B 431 16.10 -9.28 -3.89
CA TYR B 431 15.83 -9.71 -2.50
C TYR B 431 15.63 -11.22 -2.49
N ASP B 432 16.56 -11.92 -1.83
CA ASP B 432 16.56 -13.42 -1.81
C ASP B 432 15.21 -13.89 -1.28
N PHE B 433 14.68 -13.22 -0.27
CA PHE B 433 13.49 -13.77 0.40
C PHE B 433 12.32 -13.88 -0.60
N LEU B 434 12.21 -12.99 -1.59
CA LEU B 434 11.05 -13.02 -2.53
C LEU B 434 11.13 -14.31 -3.38
N TRP B 435 12.31 -14.88 -3.60
CA TRP B 435 12.46 -16.14 -4.37
C TRP B 435 12.01 -17.37 -3.56
N THR B 436 11.87 -17.29 -2.24
CA THR B 436 11.30 -18.42 -1.42
C THR B 436 9.80 -18.56 -1.72
N ARG B 437 9.13 -17.54 -2.27
CA ARG B 437 7.67 -17.66 -2.62
C ARG B 437 7.52 -18.03 -4.11
N VAL B 438 8.61 -18.29 -4.83
CA VAL B 438 8.59 -18.69 -6.27
C VAL B 438 8.79 -20.20 -6.41
N ASP B 439 8.14 -20.81 -7.42
CA ASP B 439 8.19 -22.27 -7.69
C ASP B 439 9.63 -22.68 -8.04
N SER B 440 10.03 -23.84 -7.52
CA SER B 440 11.29 -24.52 -7.92
C SER B 440 11.04 -25.24 -9.25
N LEU B 441 12.02 -25.32 -10.15
CA LEU B 441 11.90 -26.18 -11.34
C LEU B 441 11.58 -27.61 -10.86
#